data_8J7G
#
_entry.id   8J7G
#
_cell.length_a   51.047
_cell.length_b   139.174
_cell.length_c   57.917
_cell.angle_alpha   90.000
_cell.angle_beta   108.250
_cell.angle_gamma   90.000
#
_symmetry.space_group_name_H-M   'P 1 21 1'
#
loop_
_entity.id
_entity.type
_entity.pdbx_description
1 polymer 'Alpha/beta fold hydrolase'
2 non-polymer 'methyl 2-[(4,6-dimethoxypyrimidin-2-yl)carbamoylsulfamoylmethyl]benzoate'
3 non-polymer 'L(+)-TARTARIC ACID'
4 non-polymer GLYCEROL
5 water water
#
_entity_poly.entity_id   1
_entity_poly.type   'polypeptide(L)'
_entity_poly.pdbx_seq_one_letter_code
;METDNVELAQSKRKVVLAEQGSFYIGGRTVTGPGKFDPSKPVIPYSNEGATFYINQMYVNFQAPVRPRGLPLVFWHGGGL
TGHIWESTPDGRPGFQTLFVQDRHTVYTIDQPGRGRGNIPTFNGPFGQLEEESIVNTVTGNSSKEGAWVRDRLGPAPGQF
FENSQFPRGYEDNYFKEMGFSPSISSDEIVDAVVKLVTHIGPCVLVTHAASGVLGMRVATHAKNVRGIVAYEPATSIFPK
GKVPEIPPLADKKSQIFPPFEIQESYFKKLAKIPIQFVFGDNIPKNPKSAYWFLDWWRVTRYAHSLSLEAINKLGGQASL
LDLPTAGLRGNTAFPFTDRNNVQVASLLSDFLGKHGLDQNESLEHHHHHH
;
_entity_poly.pdbx_strand_id   A,B
#
# COMPACT_ATOMS: atom_id res chain seq x y z
N LYS A 12 -7.69 -1.50 25.43
CA LYS A 12 -7.64 -0.39 24.48
C LYS A 12 -7.21 -0.87 23.10
N ARG A 13 -6.27 -1.82 23.06
CA ARG A 13 -5.69 -2.21 21.78
C ARG A 13 -6.26 -3.50 21.22
N LYS A 14 -6.98 -4.28 22.03
CA LYS A 14 -7.50 -5.57 21.58
C LYS A 14 -8.61 -5.42 20.55
N VAL A 15 -8.61 -6.31 19.57
CA VAL A 15 -9.54 -6.28 18.46
C VAL A 15 -9.97 -7.71 18.15
N VAL A 16 -11.27 -7.95 18.06
CA VAL A 16 -11.80 -9.28 17.76
C VAL A 16 -12.44 -9.21 16.39
N LEU A 17 -11.92 -9.99 15.45
CA LEU A 17 -12.39 -9.95 14.07
C LEU A 17 -13.08 -11.26 13.72
N ALA A 18 -14.35 -11.18 13.32
CA ALA A 18 -14.99 -12.34 12.69
C ALA A 18 -14.29 -12.71 11.39
N GLU A 19 -13.76 -11.74 10.67
CA GLU A 19 -13.00 -12.00 9.46
C GLU A 19 -12.27 -10.73 9.06
N GLN A 20 -11.23 -10.90 8.25
CA GLN A 20 -10.50 -9.78 7.68
C GLN A 20 -9.94 -10.24 6.36
N GLY A 21 -9.59 -9.27 5.51
CA GLY A 21 -8.90 -9.60 4.29
C GLY A 21 -8.77 -8.37 3.40
N SER A 22 -8.33 -8.61 2.17
CA SER A 22 -8.23 -7.53 1.22
C SER A 22 -8.50 -8.06 -0.17
N PHE A 23 -8.77 -7.14 -1.09
CA PHE A 23 -9.06 -7.51 -2.46
C PHE A 23 -8.84 -6.31 -3.36
N TYR A 24 -8.76 -6.56 -4.66
CA TYR A 24 -8.68 -5.52 -5.67
C TYR A 24 -10.02 -5.39 -6.37
N ILE A 25 -10.38 -4.16 -6.72
CA ILE A 25 -11.64 -3.89 -7.39
C ILE A 25 -11.47 -2.69 -8.30
N GLY A 26 -12.25 -2.65 -9.37
CA GLY A 26 -12.18 -1.54 -10.30
C GLY A 26 -11.01 -1.65 -11.27
N GLY A 27 -10.85 -0.60 -12.07
CA GLY A 27 -9.81 -0.55 -13.08
C GLY A 27 -10.25 -1.05 -14.44
N ARG A 28 -9.32 -0.98 -15.39
CA ARG A 28 -9.53 -1.43 -16.76
C ARG A 28 -8.25 -2.08 -17.24
N THR A 29 -8.14 -2.35 -18.54
CA THR A 29 -6.90 -2.87 -19.11
C THR A 29 -6.50 -1.99 -20.28
N VAL A 30 -5.19 -1.97 -20.54
CA VAL A 30 -4.63 -1.40 -21.76
C VAL A 30 -3.70 -2.46 -22.35
N THR A 31 -3.50 -2.38 -23.66
CA THR A 31 -2.71 -3.42 -24.30
C THR A 31 -1.63 -2.81 -25.18
N GLY A 32 -0.49 -3.48 -25.21
CA GLY A 32 0.61 -3.07 -26.06
C GLY A 32 0.46 -3.67 -27.45
N PRO A 33 1.40 -3.37 -28.34
CA PRO A 33 1.31 -3.88 -29.71
C PRO A 33 1.82 -5.30 -29.81
N GLY A 34 1.33 -6.01 -30.83
CA GLY A 34 1.89 -7.31 -31.18
C GLY A 34 1.36 -8.47 -30.36
N LYS A 35 2.12 -9.57 -30.39
CA LYS A 35 1.73 -10.83 -29.77
C LYS A 35 2.79 -11.31 -28.79
N PHE A 36 2.35 -12.11 -27.82
CA PHE A 36 3.21 -12.68 -26.79
C PHE A 36 3.64 -14.08 -27.21
N ASP A 37 4.95 -14.30 -27.29
CA ASP A 37 5.54 -15.58 -27.64
C ASP A 37 6.24 -16.16 -26.42
N PRO A 38 5.69 -17.22 -25.79
CA PRO A 38 6.31 -17.75 -24.57
C PRO A 38 7.68 -18.38 -24.77
N SER A 39 8.12 -18.62 -26.02
CA SER A 39 9.46 -19.16 -26.22
C SER A 39 10.53 -18.08 -26.22
N LYS A 40 10.16 -16.82 -26.34
CA LYS A 40 11.11 -15.74 -26.40
C LYS A 40 11.39 -15.23 -24.99
N PRO A 41 12.54 -14.59 -24.77
CA PRO A 41 12.90 -14.17 -23.41
C PRO A 41 11.86 -13.21 -22.85
N VAL A 42 11.33 -13.56 -21.67
CA VAL A 42 10.28 -12.76 -21.04
C VAL A 42 10.87 -11.58 -20.30
N ILE A 43 12.15 -11.68 -19.92
CA ILE A 43 12.86 -10.64 -19.20
C ILE A 43 14.07 -10.24 -20.03
N PRO A 44 14.34 -8.94 -20.25
CA PRO A 44 13.64 -7.75 -19.79
C PRO A 44 12.19 -7.67 -20.25
N TYR A 45 11.30 -7.22 -19.37
CA TYR A 45 9.90 -7.15 -19.72
C TYR A 45 9.65 -6.22 -20.90
N SER A 46 8.65 -6.56 -21.70
CA SER A 46 8.38 -5.86 -22.93
C SER A 46 6.88 -5.53 -22.99
N ASN A 47 6.53 -4.47 -23.73
CA ASN A 47 5.13 -4.19 -23.98
C ASN A 47 4.55 -5.06 -25.09
N GLU A 48 5.38 -5.86 -25.75
CA GLU A 48 4.93 -6.63 -26.90
C GLU A 48 3.94 -7.70 -26.46
N GLY A 49 2.76 -7.69 -27.07
CA GLY A 49 1.72 -8.62 -26.72
C GLY A 49 1.20 -8.46 -25.31
N ALA A 50 1.40 -7.30 -24.70
CA ALA A 50 1.14 -7.13 -23.28
C ALA A 50 -0.29 -6.69 -22.98
N THR A 51 -0.86 -7.25 -21.91
CA THR A 51 -2.06 -6.72 -21.29
C THR A 51 -1.67 -6.17 -19.92
N PHE A 52 -2.06 -4.93 -19.62
CA PHE A 52 -1.79 -4.33 -18.32
C PHE A 52 -3.10 -4.01 -17.64
N TYR A 53 -3.25 -4.44 -16.39
CA TYR A 53 -4.34 -3.97 -15.55
C TYR A 53 -3.96 -2.62 -14.96
N ILE A 54 -4.82 -1.62 -15.12
CA ILE A 54 -4.48 -0.28 -14.63
C ILE A 54 -5.65 0.32 -13.88
N ASN A 55 -5.31 1.20 -12.94
CA ASN A 55 -6.21 2.06 -12.18
C ASN A 55 -7.16 1.30 -11.26
N GLN A 56 -6.83 0.03 -10.94
CA GLN A 56 -7.56 -0.72 -9.93
C GLN A 56 -7.23 -0.21 -8.52
N MET A 57 -8.12 -0.49 -7.57
CA MET A 57 -7.94 0.03 -6.22
C MET A 57 -7.84 -1.10 -5.21
N TYR A 58 -7.05 -0.89 -4.16
CA TYR A 58 -6.88 -1.86 -3.10
C TYR A 58 -7.89 -1.59 -2.01
N VAL A 59 -8.46 -2.64 -1.43
CA VAL A 59 -9.47 -2.55 -0.38
C VAL A 59 -9.16 -3.54 0.73
N ASN A 60 -9.13 -3.07 1.98
CA ASN A 60 -8.95 -3.90 3.16
C ASN A 60 -10.25 -3.85 3.95
N PHE A 61 -10.65 -4.97 4.54
CA PHE A 61 -11.83 -4.98 5.41
C PHE A 61 -11.55 -5.75 6.69
N GLN A 62 -12.18 -5.29 7.77
CA GLN A 62 -12.13 -5.96 9.06
C GLN A 62 -13.55 -5.95 9.61
N ALA A 63 -14.08 -7.12 9.89
CA ALA A 63 -15.45 -7.25 10.35
C ALA A 63 -15.46 -7.72 11.79
N PRO A 64 -16.17 -7.02 12.67
CA PRO A 64 -16.28 -7.48 14.05
C PRO A 64 -17.26 -8.65 14.14
N VAL A 65 -17.24 -9.33 15.29
CA VAL A 65 -18.30 -10.27 15.60
C VAL A 65 -19.58 -9.50 15.89
N ARG A 66 -20.67 -9.91 15.26
CA ARG A 66 -21.98 -9.26 15.44
C ARG A 66 -21.89 -7.77 15.12
N PRO A 67 -21.62 -7.39 13.88
CA PRO A 67 -21.63 -5.97 13.54
C PRO A 67 -22.98 -5.35 13.81
N ARG A 68 -22.96 -4.05 14.10
CA ARG A 68 -24.17 -3.27 14.34
C ARG A 68 -24.14 -2.04 13.46
N GLY A 69 -25.12 -1.92 12.56
CA GLY A 69 -25.18 -0.77 11.68
C GLY A 69 -24.34 -0.95 10.44
N LEU A 70 -24.22 0.15 9.67
CA LEU A 70 -23.65 0.09 8.35
C LEU A 70 -22.12 0.02 8.38
N PRO A 71 -21.52 -0.67 7.41
CA PRO A 71 -20.07 -0.62 7.26
C PRO A 71 -19.58 0.78 6.93
N LEU A 72 -18.39 1.08 7.40
CA LEU A 72 -17.75 2.36 7.17
C LEU A 72 -16.64 2.18 6.13
N VAL A 73 -16.54 3.11 5.20
CA VAL A 73 -15.47 3.11 4.19
C VAL A 73 -14.61 4.35 4.46
N PHE A 74 -13.39 4.12 4.94
CA PHE A 74 -12.45 5.20 5.25
C PHE A 74 -11.59 5.46 4.03
N TRP A 75 -11.60 6.71 3.57
CA TRP A 75 -10.99 7.14 2.31
C TRP A 75 -9.95 8.22 2.58
N HIS A 76 -8.67 7.85 2.50
CA HIS A 76 -7.55 8.71 2.80
C HIS A 76 -7.54 9.97 1.92
N GLY A 77 -6.88 11.02 2.42
CA GLY A 77 -6.70 12.25 1.68
C GLY A 77 -5.60 12.14 0.63
N GLY A 78 -5.31 13.28 0.01
CA GLY A 78 -4.41 13.27 -1.14
C GLY A 78 -2.99 12.87 -0.75
N GLY A 79 -2.39 12.02 -1.58
CA GLY A 79 -1.04 11.58 -1.31
C GLY A 79 -0.90 10.66 -0.11
N LEU A 80 -2.00 10.10 0.38
CA LEU A 80 -1.99 9.24 1.57
C LEU A 80 -2.41 7.81 1.21
N THR A 81 -2.54 6.96 2.23
CA THR A 81 -2.98 5.57 2.08
C THR A 81 -3.85 5.20 3.28
N GLY A 82 -4.38 3.98 3.26
CA GLY A 82 -5.15 3.49 4.40
C GLY A 82 -4.37 3.46 5.71
N HIS A 83 -3.04 3.56 5.67
CA HIS A 83 -2.25 3.60 6.90
C HIS A 83 -2.79 4.63 7.90
N ILE A 84 -3.28 5.77 7.41
CA ILE A 84 -3.67 6.84 8.34
C ILE A 84 -4.89 6.43 9.16
N TRP A 85 -5.65 5.41 8.74
CA TRP A 85 -6.76 4.90 9.53
C TRP A 85 -6.35 3.74 10.41
N GLU A 86 -5.16 3.19 10.20
CA GLU A 86 -4.70 2.03 10.95
C GLU A 86 -4.05 2.44 12.27
N SER A 87 -3.15 3.41 12.20
CA SER A 87 -2.39 3.85 13.37
C SER A 87 -2.08 5.33 13.21
N THR A 88 -1.86 5.99 14.34
CA THR A 88 -1.33 7.33 14.35
C THR A 88 0.19 7.26 14.17
N PRO A 89 0.85 8.40 13.87
CA PRO A 89 2.30 8.34 13.64
C PRO A 89 3.07 7.88 14.87
N ASP A 90 2.54 8.12 16.06
CA ASP A 90 3.18 7.64 17.28
C ASP A 90 2.68 6.28 17.71
N GLY A 91 1.92 5.59 16.85
CA GLY A 91 1.57 4.20 17.08
C GLY A 91 0.34 3.95 17.94
N ARG A 92 -0.49 4.96 18.19
CA ARG A 92 -1.76 4.73 18.85
C ARG A 92 -2.78 4.20 17.85
N PRO A 93 -3.83 3.53 18.32
CA PRO A 93 -4.82 2.97 17.40
C PRO A 93 -5.47 4.03 16.53
N GLY A 94 -5.64 3.69 15.25
CA GLY A 94 -6.39 4.51 14.34
C GLY A 94 -7.87 4.16 14.35
N PHE A 95 -8.61 4.89 13.50
CA PHE A 95 -10.06 4.73 13.44
C PHE A 95 -10.49 3.33 13.00
N GLN A 96 -9.64 2.64 12.23
CA GLN A 96 -9.96 1.26 11.86
C GLN A 96 -10.19 0.42 13.11
N THR A 97 -9.21 0.41 14.02
CA THR A 97 -9.37 -0.31 15.27
C THR A 97 -10.52 0.26 16.10
N LEU A 98 -10.60 1.58 16.22
CA LEU A 98 -11.62 2.17 17.09
C LEU A 98 -13.02 1.79 16.64
N PHE A 99 -13.28 1.77 15.33
CA PHE A 99 -14.64 1.54 14.91
C PHE A 99 -14.96 0.07 14.71
N VAL A 100 -13.95 -0.79 14.57
CA VAL A 100 -14.21 -2.20 14.71
C VAL A 100 -14.61 -2.50 16.15
N GLN A 101 -13.94 -1.84 17.11
CA GLN A 101 -14.33 -1.96 18.52
C GLN A 101 -15.73 -1.39 18.75
N ASP A 102 -16.12 -0.36 17.99
CA ASP A 102 -17.46 0.21 18.04
C ASP A 102 -18.46 -0.61 17.23
N ARG A 103 -18.08 -1.83 16.85
CA ARG A 103 -18.94 -2.84 16.20
C ARG A 103 -19.37 -2.45 14.79
N HIS A 104 -18.54 -1.74 14.03
CA HIS A 104 -18.77 -1.54 12.62
C HIS A 104 -17.78 -2.39 11.85
N THR A 105 -18.24 -3.04 10.78
CA THR A 105 -17.32 -3.50 9.76
C THR A 105 -16.64 -2.30 9.11
N VAL A 106 -15.32 -2.38 8.93
CA VAL A 106 -14.54 -1.24 8.50
C VAL A 106 -13.80 -1.60 7.22
N TYR A 107 -14.03 -0.83 6.17
CA TYR A 107 -13.26 -0.90 4.94
C TYR A 107 -12.26 0.25 4.90
N THR A 108 -11.02 -0.06 4.54
CA THR A 108 -10.04 0.98 4.27
C THR A 108 -9.49 0.76 2.88
N ILE A 109 -9.33 1.83 2.12
CA ILE A 109 -8.91 1.72 0.73
C ILE A 109 -7.58 2.41 0.48
N ASP A 110 -6.86 1.92 -0.52
CA ASP A 110 -5.80 2.66 -1.19
C ASP A 110 -6.35 2.94 -2.59
N GLN A 111 -6.70 4.20 -2.85
CA GLN A 111 -7.35 4.56 -4.12
C GLN A 111 -6.40 4.33 -5.30
N PRO A 112 -6.93 4.21 -6.52
CA PRO A 112 -6.06 4.11 -7.70
C PRO A 112 -5.00 5.20 -7.68
N GLY A 113 -3.74 4.79 -7.89
CA GLY A 113 -2.64 5.72 -7.92
C GLY A 113 -1.94 5.94 -6.60
N ARG A 114 -2.43 5.34 -5.50
CA ARG A 114 -1.85 5.54 -4.18
C ARG A 114 -1.64 4.21 -3.48
N GLY A 115 -0.48 4.04 -2.84
CA GLY A 115 -0.26 2.87 -2.01
C GLY A 115 -0.41 1.58 -2.80
N ARG A 116 -1.26 0.69 -2.30
CA ARG A 116 -1.45 -0.62 -2.94
C ARG A 116 -2.37 -0.53 -4.15
N GLY A 117 -3.01 0.60 -4.37
CA GLY A 117 -3.69 0.83 -5.64
C GLY A 117 -2.67 0.87 -6.78
N ASN A 118 -3.19 0.76 -8.00
CA ASN A 118 -2.30 0.69 -9.15
C ASN A 118 -1.67 2.03 -9.49
N ILE A 119 -0.38 2.01 -9.79
CA ILE A 119 0.27 3.13 -10.48
C ILE A 119 0.49 2.73 -11.93
N PRO A 120 -0.20 3.34 -12.87
CA PRO A 120 -0.18 2.83 -14.25
C PRO A 120 1.08 3.22 -15.01
N THR A 121 2.08 2.35 -15.00
CA THR A 121 3.28 2.58 -15.80
C THR A 121 3.75 1.26 -16.37
N PHE A 122 4.67 1.32 -17.33
CA PHE A 122 4.88 0.20 -18.23
C PHE A 122 6.37 0.03 -18.51
N ASN A 123 6.71 -0.37 -19.73
CA ASN A 123 8.11 -0.39 -20.16
C ASN A 123 8.32 0.82 -21.04
N GLY A 124 8.96 1.85 -20.47
CA GLY A 124 9.16 3.12 -21.11
C GLY A 124 9.10 4.24 -20.10
N PRO A 125 9.24 5.48 -20.57
CA PRO A 125 9.08 6.64 -19.68
C PRO A 125 7.81 6.51 -18.84
N PHE A 126 7.91 6.95 -17.57
CA PHE A 126 6.83 6.77 -16.61
C PHE A 126 5.49 7.16 -17.19
N GLY A 127 4.53 6.24 -17.04
CA GLY A 127 3.16 6.49 -17.44
C GLY A 127 2.87 6.34 -18.92
N GLN A 128 3.88 6.05 -19.73
CA GLN A 128 3.73 5.99 -21.18
C GLN A 128 3.70 4.54 -21.64
N LEU A 129 2.68 4.20 -22.43
CA LEU A 129 2.57 2.90 -23.07
C LEU A 129 2.72 3.13 -24.57
N GLU A 130 3.94 2.94 -25.07
CA GLU A 130 4.24 3.25 -26.47
C GLU A 130 3.90 4.73 -26.69
N GLU A 131 3.11 5.08 -27.69
CA GLU A 131 2.81 6.47 -28.00
C GLU A 131 1.68 7.06 -27.17
N GLU A 132 1.09 6.29 -26.25
CA GLU A 132 -0.06 6.73 -25.49
C GLU A 132 0.37 7.11 -24.08
N SER A 133 -0.11 8.25 -23.61
CA SER A 133 0.19 8.76 -22.27
C SER A 133 -0.97 8.37 -21.36
N ILE A 134 -0.77 7.38 -20.51
CA ILE A 134 -1.81 6.99 -19.56
C ILE A 134 -1.82 7.95 -18.38
N VAL A 135 -0.65 8.24 -17.81
CA VAL A 135 -0.50 9.35 -16.88
C VAL A 135 0.76 10.12 -17.26
N ASN A 136 0.86 11.34 -16.75
CA ASN A 136 1.97 12.21 -17.11
C ASN A 136 3.29 11.69 -16.57
N THR A 137 4.36 11.88 -17.36
CA THR A 137 5.70 11.53 -16.93
C THR A 137 6.22 12.51 -15.90
N VAL A 138 5.80 13.77 -15.98
CA VAL A 138 6.17 14.76 -14.99
C VAL A 138 5.23 14.62 -13.80
N THR A 139 5.81 14.47 -12.61
CA THR A 139 5.04 14.32 -11.38
C THR A 139 5.05 15.61 -10.57
N GLY A 140 4.15 15.66 -9.59
CA GLY A 140 4.19 16.68 -8.57
C GLY A 140 4.12 16.01 -7.21
N ASN A 141 4.68 16.68 -6.21
CA ASN A 141 4.72 16.10 -4.87
C ASN A 141 5.02 17.20 -3.87
N SER A 142 4.24 17.24 -2.78
CA SER A 142 4.53 18.21 -1.72
C SER A 142 5.85 17.90 -1.04
N SER A 143 6.48 18.95 -0.53
CA SER A 143 7.59 18.84 0.40
C SER A 143 7.08 18.60 1.81
N LYS A 144 8.00 18.24 2.71
CA LYS A 144 7.70 18.23 4.13
C LYS A 144 7.21 19.60 4.59
N GLU A 145 7.87 20.66 4.11
CA GLU A 145 7.52 22.03 4.48
C GLU A 145 6.11 22.37 4.00
N GLY A 146 5.79 22.04 2.75
CA GLY A 146 4.45 22.30 2.25
C GLY A 146 3.38 21.57 3.05
N ALA A 147 3.67 20.31 3.40
CA ALA A 147 2.72 19.51 4.17
C ALA A 147 2.57 20.03 5.59
N TRP A 148 3.67 20.49 6.19
CA TRP A 148 3.59 21.04 7.54
C TRP A 148 2.56 22.15 7.63
N VAL A 149 2.60 23.08 6.68
CA VAL A 149 1.68 24.23 6.77
C VAL A 149 0.30 23.86 6.22
N ARG A 150 0.24 23.00 5.21
CA ARG A 150 -1.05 22.49 4.73
C ARG A 150 -1.84 21.85 5.87
N ASP A 151 -1.19 21.10 6.73
CA ASP A 151 -1.89 20.37 7.77
C ASP A 151 -2.02 21.17 9.06
N ARG A 152 -1.54 22.41 9.06
CA ARG A 152 -1.69 23.33 10.18
C ARG A 152 -1.10 22.77 11.46
N LEU A 153 0.03 22.05 11.34
CA LEU A 153 0.84 21.76 12.53
C LEU A 153 1.24 23.06 13.22
N GLY A 154 1.61 24.06 12.42
CA GLY A 154 1.94 25.37 12.88
C GLY A 154 1.99 26.29 11.69
N PRO A 155 2.32 27.57 11.91
CA PRO A 155 2.29 28.54 10.81
C PRO A 155 3.47 28.45 9.86
N ALA A 156 4.56 27.79 10.27
CA ALA A 156 5.76 27.69 9.47
C ALA A 156 6.39 26.34 9.76
N PRO A 157 7.13 25.76 8.81
CA PRO A 157 7.75 24.45 9.07
C PRO A 157 8.59 24.46 10.34
N GLY A 158 8.52 23.37 11.11
CA GLY A 158 9.26 23.26 12.34
C GLY A 158 8.64 23.96 13.54
N GLN A 159 7.59 24.74 13.35
CA GLN A 159 6.89 25.45 14.42
C GLN A 159 5.53 24.83 14.67
N PHE A 160 5.18 24.65 15.94
CA PHE A 160 3.85 24.19 16.32
C PHE A 160 3.02 25.30 16.94
N PHE A 161 1.72 25.27 16.66
CA PHE A 161 0.78 26.02 17.47
C PHE A 161 0.86 25.53 18.91
N GLU A 162 0.75 26.49 19.85
CA GLU A 162 0.83 26.16 21.27
C GLU A 162 -0.16 25.05 21.65
N ASN A 163 -1.36 25.08 21.07
CA ASN A 163 -2.43 24.17 21.47
C ASN A 163 -2.39 22.85 20.70
N SER A 164 -1.36 22.63 19.87
CA SER A 164 -1.42 21.57 18.87
C SER A 164 -1.70 20.19 19.47
N GLN A 165 -2.59 19.45 18.81
CA GLN A 165 -2.80 18.04 19.12
C GLN A 165 -1.92 17.11 18.30
N PHE A 166 -1.00 17.64 17.50
CA PHE A 166 -0.11 16.76 16.74
C PHE A 166 0.74 15.92 17.69
N PRO A 167 1.02 14.66 17.33
CA PRO A 167 1.93 13.83 18.15
C PRO A 167 3.40 14.21 17.94
N ARG A 168 3.81 15.25 18.67
CA ARG A 168 5.15 15.79 18.58
C ARG A 168 6.19 14.70 18.82
N GLY A 169 7.32 14.82 18.11
CA GLY A 169 8.38 13.84 18.17
C GLY A 169 8.27 12.75 17.13
N TYR A 170 7.12 12.63 16.47
CA TYR A 170 6.89 11.62 15.45
C TYR A 170 6.68 12.26 14.09
N GLU A 171 7.31 13.42 13.90
CA GLU A 171 7.24 14.13 12.62
C GLU A 171 7.73 13.26 11.47
N ASP A 172 8.89 12.64 11.64
CA ASP A 172 9.43 11.85 10.53
C ASP A 172 8.44 10.76 10.12
N ASN A 173 7.89 10.04 11.11
CA ASN A 173 6.91 8.99 10.81
C ASN A 173 5.71 9.54 10.06
N TYR A 174 5.23 10.71 10.49
CA TYR A 174 4.08 11.34 9.85
C TYR A 174 4.35 11.65 8.39
N PHE A 175 5.43 12.39 8.12
CA PHE A 175 5.65 12.81 6.74
C PHE A 175 6.02 11.64 5.85
N LYS A 176 6.57 10.58 6.43
CA LYS A 176 6.93 9.40 5.64
C LYS A 176 5.71 8.71 5.02
N GLU A 177 4.50 8.98 5.53
CA GLU A 177 3.30 8.33 5.00
C GLU A 177 2.80 9.01 3.73
N MET A 178 3.41 10.12 3.34
CA MET A 178 2.92 11.00 2.29
C MET A 178 3.69 10.78 1.01
N GLY A 179 3.02 10.91 -0.13
CA GLY A 179 3.72 10.75 -1.38
C GLY A 179 2.94 11.29 -2.58
N PHE A 180 3.50 11.05 -3.76
CA PHE A 180 2.93 11.62 -4.97
C PHE A 180 1.71 10.82 -5.43
N SER A 181 0.93 11.45 -6.32
CA SER A 181 -0.13 10.75 -7.03
C SER A 181 0.04 10.99 -8.53
N PRO A 182 0.01 9.93 -9.33
CA PRO A 182 0.05 10.11 -10.78
C PRO A 182 -1.28 10.68 -11.27
N SER A 183 -1.26 11.21 -12.49
CA SER A 183 -2.38 12.01 -12.99
C SER A 183 -3.57 11.17 -13.48
N ILE A 184 -3.96 10.16 -12.70
CA ILE A 184 -5.17 9.40 -13.01
C ILE A 184 -6.38 10.31 -12.98
N SER A 185 -7.28 10.13 -13.94
CA SER A 185 -8.51 10.90 -13.97
C SER A 185 -9.29 10.75 -12.67
N SER A 186 -9.80 11.86 -12.14
CA SER A 186 -10.67 11.75 -10.98
C SER A 186 -11.92 10.94 -11.29
N ASP A 187 -12.37 10.97 -12.54
CA ASP A 187 -13.47 10.13 -12.97
C ASP A 187 -13.21 8.66 -12.68
N GLU A 188 -11.97 8.21 -12.94
CA GLU A 188 -11.68 6.80 -12.75
C GLU A 188 -11.51 6.45 -11.27
N ILE A 189 -11.08 7.41 -10.44
CA ILE A 189 -11.02 7.18 -9.01
C ILE A 189 -12.43 7.05 -8.44
N VAL A 190 -13.31 7.98 -8.83
CA VAL A 190 -14.71 7.88 -8.43
C VAL A 190 -15.31 6.54 -8.90
N ASP A 191 -14.99 6.16 -10.14
CA ASP A 191 -15.53 4.90 -10.69
C ASP A 191 -15.17 3.70 -9.80
N ALA A 192 -13.91 3.64 -9.34
CA ALA A 192 -13.50 2.51 -8.52
C ALA A 192 -14.31 2.46 -7.22
N VAL A 193 -14.54 3.61 -6.60
CA VAL A 193 -15.23 3.58 -5.32
C VAL A 193 -16.73 3.34 -5.51
N VAL A 194 -17.30 3.83 -6.61
CA VAL A 194 -18.69 3.49 -6.93
C VAL A 194 -18.84 1.98 -7.05
N LYS A 195 -17.88 1.32 -7.70
CA LYS A 195 -17.95 -0.13 -7.85
C LYS A 195 -17.80 -0.82 -6.49
N LEU A 196 -16.94 -0.30 -5.63
CA LEU A 196 -16.83 -0.85 -4.27
C LEU A 196 -18.14 -0.71 -3.51
N VAL A 197 -18.77 0.47 -3.59
CA VAL A 197 -20.02 0.72 -2.88
C VAL A 197 -21.11 -0.21 -3.41
N THR A 198 -21.12 -0.45 -4.71
CA THR A 198 -22.05 -1.44 -5.27
C THR A 198 -21.79 -2.81 -4.68
N HIS A 199 -20.52 -3.17 -4.51
CA HIS A 199 -20.18 -4.46 -3.93
C HIS A 199 -20.58 -4.56 -2.46
N ILE A 200 -20.35 -3.51 -1.67
CA ILE A 200 -20.57 -3.58 -0.22
C ILE A 200 -22.05 -3.57 0.14
N GLY A 201 -22.84 -2.76 -0.57
CA GLY A 201 -24.17 -2.45 -0.13
C GLY A 201 -24.18 -1.14 0.63
N PRO A 202 -25.31 -0.83 1.27
CA PRO A 202 -25.41 0.40 2.07
C PRO A 202 -24.22 0.57 3.00
N CYS A 203 -23.72 1.79 3.06
CA CYS A 203 -22.49 2.07 3.78
C CYS A 203 -22.38 3.56 4.00
N VAL A 204 -21.37 3.95 4.75
CA VAL A 204 -21.07 5.34 5.09
C VAL A 204 -19.66 5.65 4.62
N LEU A 205 -19.49 6.76 3.92
CA LEU A 205 -18.16 7.19 3.47
C LEU A 205 -17.60 8.15 4.50
N VAL A 206 -16.36 7.91 4.93
CA VAL A 206 -15.61 8.81 5.82
C VAL A 206 -14.40 9.28 5.02
N THR A 207 -14.41 10.54 4.59
CA THR A 207 -13.42 11.08 3.67
C THR A 207 -12.51 12.08 4.38
N HIS A 208 -11.55 12.62 3.62
CA HIS A 208 -10.47 13.41 4.19
C HIS A 208 -9.85 14.25 3.08
N ALA A 209 -9.78 15.57 3.28
CA ALA A 209 -9.01 16.41 2.39
C ALA A 209 -9.39 16.18 0.92
N ALA A 210 -8.45 15.69 0.11
CA ALA A 210 -8.72 15.55 -1.32
C ALA A 210 -9.84 14.57 -1.62
N SER A 211 -10.08 13.57 -0.76
CA SER A 211 -11.17 12.64 -1.07
C SER A 211 -12.54 13.20 -0.70
N GLY A 212 -12.60 14.38 -0.09
CA GLY A 212 -13.88 14.97 0.25
C GLY A 212 -14.76 15.14 -0.97
N VAL A 213 -14.26 15.85 -1.99
CA VAL A 213 -15.07 16.08 -3.17
C VAL A 213 -15.33 14.78 -3.91
N LEU A 214 -14.37 13.85 -3.89
CA LEU A 214 -14.57 12.59 -4.57
C LEU A 214 -15.68 11.78 -3.91
N GLY A 215 -15.75 11.82 -2.58
CA GLY A 215 -16.81 11.12 -1.88
C GLY A 215 -18.17 11.72 -2.16
N MET A 216 -18.26 13.05 -2.23
CA MET A 216 -19.53 13.67 -2.60
C MET A 216 -19.95 13.21 -3.98
N ARG A 217 -19.00 13.13 -4.91
CA ARG A 217 -19.31 12.66 -6.25
C ARG A 217 -19.80 11.21 -6.23
N VAL A 218 -19.13 10.34 -5.46
CA VAL A 218 -19.58 8.95 -5.37
C VAL A 218 -21.04 8.88 -4.91
N ALA A 219 -21.39 9.68 -3.90
CA ALA A 219 -22.75 9.65 -3.37
C ALA A 219 -23.79 10.00 -4.42
N THR A 220 -23.45 10.91 -5.35
CA THR A 220 -24.41 11.28 -6.39
C THR A 220 -24.58 10.19 -7.43
N HIS A 221 -23.66 9.22 -7.49
CA HIS A 221 -23.73 8.09 -8.40
C HIS A 221 -24.12 6.78 -7.73
N ALA A 222 -24.23 6.75 -6.40
CA ALA A 222 -24.37 5.48 -5.69
C ALA A 222 -25.32 5.70 -4.52
N LYS A 223 -26.56 5.23 -4.66
CA LYS A 223 -27.52 5.41 -3.59
C LYS A 223 -27.18 4.59 -2.35
N ASN A 224 -26.27 3.60 -2.46
CA ASN A 224 -25.86 2.86 -1.27
C ASN A 224 -25.08 3.72 -0.27
N VAL A 225 -24.58 4.88 -0.68
CA VAL A 225 -23.94 5.79 0.27
C VAL A 225 -25.06 6.41 1.12
N ARG A 226 -25.10 6.04 2.40
N ARG A 226 -25.10 6.06 2.40
CA ARG A 226 -26.18 6.49 3.28
CA ARG A 226 -26.19 6.49 3.28
C ARG A 226 -25.77 7.64 4.19
C ARG A 226 -25.77 7.63 4.19
N GLY A 227 -24.52 8.06 4.12
CA GLY A 227 -24.05 9.18 4.92
C GLY A 227 -22.62 9.47 4.55
N ILE A 228 -22.20 10.70 4.85
CA ILE A 228 -20.83 11.13 4.61
C ILE A 228 -20.34 11.94 5.82
N VAL A 229 -19.16 11.60 6.32
CA VAL A 229 -18.43 12.47 7.23
C VAL A 229 -17.12 12.81 6.53
N ALA A 230 -16.86 14.10 6.32
CA ALA A 230 -15.66 14.53 5.61
C ALA A 230 -14.77 15.33 6.56
N TYR A 231 -13.55 14.85 6.79
CA TYR A 231 -12.58 15.56 7.61
C TYR A 231 -11.78 16.53 6.74
N GLU A 232 -11.93 17.83 7.03
CA GLU A 232 -11.24 18.93 6.37
C GLU A 232 -11.15 18.73 4.85
N PRO A 233 -12.29 18.67 4.16
CA PRO A 233 -12.27 18.47 2.71
C PRO A 233 -11.59 19.64 2.01
N ALA A 234 -10.92 19.33 0.90
CA ALA A 234 -10.07 20.29 0.21
C ALA A 234 -10.75 21.06 -0.92
N THR A 235 -11.77 20.47 -1.56
CA THR A 235 -12.42 21.10 -2.71
C THR A 235 -13.92 21.13 -2.45
N SER A 236 -14.53 22.30 -2.63
CA SER A 236 -15.97 22.47 -2.46
C SER A 236 -16.71 22.04 -3.71
N ILE A 237 -18.02 21.80 -3.55
CA ILE A 237 -18.85 21.32 -4.64
C ILE A 237 -20.15 22.11 -4.68
N PHE A 238 -20.59 22.45 -5.89
CA PHE A 238 -21.77 23.28 -6.10
C PHE A 238 -22.51 22.81 -7.34
N PRO A 239 -23.79 23.13 -7.44
CA PRO A 239 -24.50 22.91 -8.72
C PRO A 239 -23.87 23.75 -9.82
N LYS A 240 -23.84 23.18 -11.02
CA LYS A 240 -23.25 23.86 -12.17
C LYS A 240 -23.90 25.22 -12.40
N GLY A 241 -23.06 26.23 -12.66
CA GLY A 241 -23.53 27.59 -12.83
C GLY A 241 -23.94 28.32 -11.57
N LYS A 242 -23.86 27.67 -10.40
CA LYS A 242 -24.37 28.22 -9.16
C LYS A 242 -23.27 28.38 -8.12
N VAL A 243 -22.03 28.52 -8.56
CA VAL A 243 -20.94 28.76 -7.60
C VAL A 243 -21.09 30.16 -7.03
N PRO A 244 -21.13 30.32 -5.71
CA PRO A 244 -21.26 31.67 -5.13
C PRO A 244 -19.98 32.46 -5.30
N GLU A 245 -20.07 33.76 -5.02
CA GLU A 245 -18.87 34.57 -5.02
C GLU A 245 -17.99 34.13 -3.84
N ILE A 246 -16.74 33.82 -4.15
CA ILE A 246 -15.75 33.38 -3.16
C ILE A 246 -14.56 34.31 -3.30
N PRO A 247 -14.09 34.94 -2.23
CA PRO A 247 -13.04 35.95 -2.36
C PRO A 247 -11.70 35.29 -2.67
N PRO A 248 -10.78 36.03 -3.27
CA PRO A 248 -9.40 35.55 -3.37
C PRO A 248 -8.75 35.53 -2.00
N LEU A 249 -7.54 34.99 -1.95
CA LEU A 249 -6.81 34.93 -0.69
C LEU A 249 -6.25 36.30 -0.33
N ALA A 250 -5.68 36.39 0.88
CA ALA A 250 -5.21 37.66 1.40
C ALA A 250 -4.06 38.25 0.59
N ASP A 251 -3.32 37.42 -0.14
CA ASP A 251 -2.29 37.96 -1.02
C ASP A 251 -2.86 38.62 -2.27
N LYS A 252 -4.18 38.64 -2.41
CA LYS A 252 -4.93 39.30 -3.48
C LYS A 252 -4.59 38.76 -4.87
N LYS A 253 -3.92 37.61 -4.97
CA LYS A 253 -3.64 36.99 -6.25
C LYS A 253 -3.93 35.50 -6.29
N SER A 254 -3.90 34.80 -5.15
CA SER A 254 -4.18 33.38 -5.11
C SER A 254 -5.68 33.15 -4.94
N GLN A 255 -6.11 31.93 -5.26
CA GLN A 255 -7.49 31.53 -5.03
C GLN A 255 -7.48 30.15 -4.42
N ILE A 256 -8.61 29.73 -3.85
CA ILE A 256 -8.72 28.37 -3.36
C ILE A 256 -8.86 27.41 -4.54
N PHE A 257 -9.04 26.13 -4.26
CA PHE A 257 -9.19 25.17 -5.34
C PHE A 257 -10.49 25.47 -6.09
N PRO A 258 -10.45 25.57 -7.41
CA PRO A 258 -11.70 25.80 -8.17
C PRO A 258 -12.79 24.83 -7.77
N PRO A 259 -13.94 25.33 -7.34
CA PRO A 259 -15.01 24.43 -6.90
C PRO A 259 -15.48 23.51 -8.02
N PHE A 260 -15.76 22.26 -7.66
CA PHE A 260 -16.28 21.28 -8.60
C PHE A 260 -17.77 21.54 -8.82
N GLU A 261 -18.19 21.53 -10.08
CA GLU A 261 -19.58 21.79 -10.44
C GLU A 261 -20.19 20.52 -11.03
N ILE A 262 -21.39 20.16 -10.56
CA ILE A 262 -22.11 19.00 -11.07
C ILE A 262 -23.50 19.46 -11.48
N GLN A 263 -24.13 18.68 -12.35
CA GLN A 263 -25.50 18.94 -12.74
C GLN A 263 -26.41 18.96 -11.52
N GLU A 264 -27.35 19.90 -11.50
CA GLU A 264 -28.18 20.05 -10.31
C GLU A 264 -28.89 18.76 -9.96
N SER A 265 -29.31 17.98 -10.97
CA SER A 265 -30.03 16.73 -10.71
C SER A 265 -29.18 15.75 -9.91
N TYR A 266 -27.86 15.76 -10.12
CA TYR A 266 -26.97 14.96 -9.30
C TYR A 266 -26.71 15.63 -7.95
N PHE A 267 -26.52 16.94 -7.95
CA PHE A 267 -26.31 17.66 -6.70
C PHE A 267 -27.45 17.41 -5.70
N LYS A 268 -28.71 17.36 -6.19
CA LYS A 268 -29.82 17.16 -5.27
C LYS A 268 -29.77 15.80 -4.58
N LYS A 269 -29.01 14.83 -5.09
CA LYS A 269 -28.91 13.56 -4.38
C LYS A 269 -28.19 13.73 -3.05
N LEU A 270 -27.35 14.76 -2.92
CA LEU A 270 -26.68 15.03 -1.67
C LEU A 270 -27.64 15.51 -0.59
N ALA A 271 -28.83 15.95 -0.97
CA ALA A 271 -29.81 16.36 0.02
C ALA A 271 -30.54 15.18 0.66
N LYS A 272 -30.31 13.96 0.19
CA LYS A 272 -31.07 12.83 0.68
C LYS A 272 -30.36 12.05 1.78
N ILE A 273 -29.14 12.42 2.14
CA ILE A 273 -28.39 11.69 3.16
C ILE A 273 -27.79 12.64 4.18
N PRO A 274 -27.55 12.21 5.42
CA PRO A 274 -26.83 13.05 6.37
C PRO A 274 -25.38 13.23 5.95
N ILE A 275 -24.90 14.46 6.05
CA ILE A 275 -23.55 14.83 5.63
C ILE A 275 -22.96 15.78 6.68
N GLN A 276 -21.76 15.46 7.17
CA GLN A 276 -21.10 16.29 8.17
C GLN A 276 -19.69 16.60 7.69
N PHE A 277 -19.33 17.88 7.70
CA PHE A 277 -17.95 18.29 7.45
C PHE A 277 -17.33 18.66 8.79
N VAL A 278 -16.13 18.13 9.07
CA VAL A 278 -15.47 18.32 10.35
C VAL A 278 -14.20 19.12 10.13
N PHE A 279 -14.04 20.22 10.88
CA PHE A 279 -12.84 21.02 10.81
C PHE A 279 -12.13 21.10 12.16
N GLY A 280 -10.80 21.05 12.10
CA GLY A 280 -9.95 21.22 13.26
C GLY A 280 -9.79 22.68 13.63
N ASP A 281 -8.67 22.98 14.26
CA ASP A 281 -8.43 24.27 14.90
C ASP A 281 -7.42 25.10 14.12
N ASN A 282 -7.25 26.34 14.57
CA ASN A 282 -6.22 27.25 14.07
C ASN A 282 -6.46 27.66 12.63
N ILE A 283 -7.71 27.61 12.18
CA ILE A 283 -8.09 28.27 10.93
C ILE A 283 -8.41 29.71 11.30
N PRO A 284 -7.73 30.69 10.73
CA PRO A 284 -7.96 32.07 11.14
C PRO A 284 -9.33 32.58 10.70
N LYS A 285 -9.88 33.50 11.49
CA LYS A 285 -11.12 34.14 11.08
C LYS A 285 -10.87 35.31 10.14
N ASN A 286 -9.71 35.94 10.24
CA ASN A 286 -9.37 37.12 9.47
C ASN A 286 -8.30 36.82 8.44
N PRO A 287 -8.20 37.64 7.39
CA PRO A 287 -7.16 37.44 6.37
C PRO A 287 -5.77 37.39 7.01
N LYS A 288 -4.95 36.43 6.51
CA LYS A 288 -3.58 36.22 6.98
C LYS A 288 -2.65 36.15 5.77
N SER A 289 -2.24 37.31 5.26
CA SER A 289 -1.36 37.31 4.09
C SER A 289 0.01 36.71 4.37
N ALA A 290 0.44 36.64 5.63
CA ALA A 290 1.77 36.11 5.93
C ALA A 290 1.83 34.59 5.88
N TYR A 291 0.69 33.91 5.92
CA TYR A 291 0.65 32.45 6.05
C TYR A 291 -0.34 31.91 5.04
N TRP A 292 0.18 31.57 3.86
CA TRP A 292 -0.67 31.29 2.70
C TRP A 292 -1.64 30.15 3.01
N PHE A 293 -1.18 29.09 3.65
CA PHE A 293 -2.07 27.94 3.72
C PHE A 293 -3.07 28.11 4.87
N LEU A 294 -2.75 28.92 5.88
CA LEU A 294 -3.76 29.30 6.86
C LEU A 294 -4.88 30.11 6.22
N ASP A 295 -4.51 31.07 5.37
CA ASP A 295 -5.51 31.87 4.68
C ASP A 295 -6.32 31.02 3.71
N TRP A 296 -5.65 30.09 3.02
CA TRP A 296 -6.33 29.14 2.15
C TRP A 296 -7.40 28.37 2.90
N TRP A 297 -7.11 27.91 4.12
CA TRP A 297 -8.10 27.16 4.88
C TRP A 297 -9.27 28.03 5.29
N ARG A 298 -9.00 29.29 5.63
CA ARG A 298 -10.08 30.21 5.99
C ARG A 298 -11.10 30.30 4.86
N VAL A 299 -10.63 30.52 3.63
CA VAL A 299 -11.56 30.70 2.52
C VAL A 299 -12.15 29.37 2.07
N THR A 300 -11.38 28.29 2.14
CA THR A 300 -11.91 26.97 1.79
C THR A 300 -13.03 26.56 2.73
N ARG A 301 -12.82 26.72 4.03
CA ARG A 301 -13.88 26.43 5.00
C ARG A 301 -15.11 27.28 4.74
N TYR A 302 -14.90 28.58 4.45
CA TYR A 302 -16.02 29.44 4.04
C TYR A 302 -16.76 28.88 2.84
N ALA A 303 -16.03 28.49 1.79
CA ALA A 303 -16.68 27.92 0.61
C ALA A 303 -17.46 26.66 0.96
N HIS A 304 -16.89 25.80 1.82
CA HIS A 304 -17.64 24.61 2.22
C HIS A 304 -18.91 24.97 2.96
N SER A 305 -18.86 26.00 3.80
CA SER A 305 -20.07 26.43 4.49
C SER A 305 -21.14 26.83 3.49
N LEU A 306 -20.75 27.44 2.36
CA LEU A 306 -21.75 27.80 1.36
C LEU A 306 -22.24 26.57 0.62
N SER A 307 -21.35 25.60 0.39
CA SER A 307 -21.75 24.34 -0.22
C SER A 307 -22.80 23.63 0.64
N LEU A 308 -22.54 23.52 1.94
CA LEU A 308 -23.50 22.88 2.83
C LEU A 308 -24.83 23.63 2.83
N GLU A 309 -24.80 24.97 2.80
CA GLU A 309 -26.06 25.70 2.76
C GLU A 309 -26.86 25.38 1.51
N ALA A 310 -26.18 25.28 0.36
CA ALA A 310 -26.90 24.95 -0.87
C ALA A 310 -27.55 23.57 -0.78
N ILE A 311 -26.87 22.63 -0.11
CA ILE A 311 -27.46 21.31 0.08
C ILE A 311 -28.69 21.42 0.96
N ASN A 312 -28.59 22.23 2.01
CA ASN A 312 -29.70 22.37 2.94
C ASN A 312 -30.87 23.11 2.30
N LYS A 313 -30.59 24.08 1.42
CA LYS A 313 -31.70 24.77 0.75
C LYS A 313 -32.46 23.87 -0.20
N LEU A 314 -31.85 22.76 -0.61
CA LEU A 314 -32.50 21.73 -1.41
C LEU A 314 -33.11 20.64 -0.55
N GLY A 315 -33.24 20.86 0.75
CA GLY A 315 -33.87 19.92 1.65
C GLY A 315 -32.95 18.96 2.35
N GLY A 316 -31.65 19.22 2.32
CA GLY A 316 -30.68 18.28 2.85
C GLY A 316 -30.55 18.29 4.36
N GLN A 317 -29.58 17.51 4.82
CA GLN A 317 -29.23 17.37 6.23
C GLN A 317 -27.72 17.48 6.38
N ALA A 318 -27.20 18.66 6.03
CA ALA A 318 -25.76 18.87 5.97
C ALA A 318 -25.35 19.77 7.12
N SER A 319 -24.21 19.48 7.73
CA SER A 319 -23.79 20.29 8.86
C SER A 319 -22.28 20.45 8.85
N LEU A 320 -21.83 21.50 9.52
CA LEU A 320 -20.41 21.79 9.70
C LEU A 320 -20.09 21.70 11.18
N LEU A 321 -19.13 20.85 11.53
CA LEU A 321 -18.71 20.68 12.91
C LEU A 321 -17.30 21.25 13.05
N ASP A 322 -17.17 22.38 13.72
CA ASP A 322 -15.87 22.89 14.13
C ASP A 322 -15.51 22.23 15.46
N LEU A 323 -14.44 21.43 15.46
CA LEU A 323 -14.09 20.72 16.69
C LEU A 323 -13.92 21.63 17.90
N PRO A 324 -13.38 22.85 17.78
CA PRO A 324 -13.31 23.71 18.98
C PRO A 324 -14.66 24.02 19.61
N THR A 325 -15.75 24.04 18.83
CA THR A 325 -17.05 24.30 19.43
C THR A 325 -17.53 23.10 20.25
N ALA A 326 -17.02 21.90 19.95
CA ALA A 326 -17.28 20.72 20.76
C ALA A 326 -16.30 20.58 21.91
N GLY A 327 -15.43 21.56 22.11
CA GLY A 327 -14.49 21.56 23.20
C GLY A 327 -13.16 20.90 22.92
N LEU A 328 -12.87 20.56 21.67
CA LEU A 328 -11.60 19.95 21.29
C LEU A 328 -10.74 21.03 20.65
N ARG A 329 -9.58 21.31 21.26
CA ARG A 329 -8.73 22.40 20.82
C ARG A 329 -7.43 21.86 20.23
N GLY A 330 -6.95 22.52 19.19
CA GLY A 330 -5.64 22.28 18.62
C GLY A 330 -5.56 21.22 17.55
N ASN A 331 -6.68 20.74 17.04
CA ASN A 331 -6.59 19.66 16.06
C ASN A 331 -5.98 20.16 14.76
N THR A 332 -5.25 19.27 14.10
CA THR A 332 -4.66 19.54 12.80
C THR A 332 -5.65 19.19 11.70
N ALA A 333 -5.19 19.24 10.45
CA ALA A 333 -6.03 18.79 9.34
C ALA A 333 -6.16 17.27 9.27
N PHE A 334 -5.55 16.52 10.19
CA PHE A 334 -5.74 15.07 10.30
C PHE A 334 -6.27 14.79 11.71
N PRO A 335 -7.49 15.23 12.05
CA PRO A 335 -7.94 15.06 13.45
C PRO A 335 -7.95 13.62 13.92
N PHE A 336 -8.18 12.68 13.01
CA PHE A 336 -8.29 11.26 13.31
C PHE A 336 -6.94 10.60 13.62
N THR A 337 -5.81 11.30 13.46
CA THR A 337 -4.54 10.76 13.99
C THR A 337 -3.93 11.68 15.04
N ASP A 338 -4.64 12.72 15.48
CA ASP A 338 -4.14 13.63 16.51
C ASP A 338 -4.17 12.94 17.88
N ARG A 339 -3.54 13.59 18.87
CA ARG A 339 -3.43 13.01 20.20
C ARG A 339 -4.79 12.77 20.83
N ASN A 340 -5.81 13.55 20.46
CA ASN A 340 -7.16 13.40 20.99
C ASN A 340 -8.07 12.64 20.03
N ASN A 341 -7.52 11.74 19.23
CA ASN A 341 -8.34 11.13 18.18
C ASN A 341 -9.43 10.24 18.75
N VAL A 342 -9.30 9.77 19.99
CA VAL A 342 -10.39 9.02 20.60
C VAL A 342 -11.59 9.92 20.82
N GLN A 343 -11.36 11.16 21.22
CA GLN A 343 -12.50 12.07 21.37
C GLN A 343 -13.09 12.44 20.02
N VAL A 344 -12.24 12.56 18.98
CA VAL A 344 -12.75 12.82 17.64
C VAL A 344 -13.62 11.65 17.18
N ALA A 345 -13.18 10.43 17.45
CA ALA A 345 -13.95 9.24 17.10
C ALA A 345 -15.29 9.21 17.81
N SER A 346 -15.30 9.63 19.09
CA SER A 346 -16.55 9.74 19.84
C SER A 346 -17.56 10.61 19.11
N LEU A 347 -17.10 11.73 18.55
CA LEU A 347 -18.02 12.59 17.82
C LEU A 347 -18.50 11.94 16.53
N LEU A 348 -17.66 11.13 15.86
CA LEU A 348 -18.14 10.36 14.71
C LEU A 348 -19.18 9.33 15.15
N SER A 349 -18.93 8.62 16.23
CA SER A 349 -19.91 7.69 16.79
C SER A 349 -21.23 8.40 17.07
N ASP A 350 -21.15 9.62 17.60
CA ASP A 350 -22.37 10.38 17.89
C ASP A 350 -23.16 10.67 16.63
N PHE A 351 -22.47 11.05 15.54
CA PHE A 351 -23.15 11.32 14.28
C PHE A 351 -23.81 10.07 13.73
N LEU A 352 -23.07 8.96 13.69
CA LEU A 352 -23.66 7.70 13.24
C LEU A 352 -24.88 7.32 14.07
N GLY A 353 -24.80 7.48 15.39
CA GLY A 353 -25.92 7.12 16.24
C GLY A 353 -27.12 8.03 16.02
N LYS A 354 -26.86 9.34 15.84
CA LYS A 354 -27.95 10.29 15.63
C LYS A 354 -28.81 9.91 14.42
N HIS A 355 -28.19 9.35 13.38
CA HIS A 355 -28.91 9.04 12.15
C HIS A 355 -29.18 7.55 11.98
N GLY A 356 -29.01 6.75 13.04
CA GLY A 356 -29.33 5.35 12.99
C GLY A 356 -28.37 4.53 12.17
N LEU A 357 -27.24 5.10 11.79
CA LEU A 357 -26.26 4.38 10.99
C LEU A 357 -25.47 3.37 11.82
N ASP A 358 -25.74 3.29 13.13
CA ASP A 358 -25.14 2.28 14.00
C ASP A 358 -26.16 1.23 14.45
N GLN A 359 -27.31 1.17 13.79
CA GLN A 359 -28.36 0.19 14.08
C GLN A 359 -28.60 -0.69 12.86
N ASN A 360 -28.99 -1.93 13.12
CA ASN A 360 -29.21 -2.90 12.06
C ASN A 360 -30.56 -2.71 11.36
N LYS B 12 -12.69 -20.68 11.16
CA LYS B 12 -11.72 -20.61 10.07
C LYS B 12 -11.24 -19.18 9.82
N ARG B 13 -12.15 -18.21 9.88
CA ARG B 13 -11.77 -16.83 9.60
C ARG B 13 -11.62 -15.97 10.83
N LYS B 14 -12.12 -16.41 12.00
CA LYS B 14 -12.05 -15.58 13.19
C LYS B 14 -10.60 -15.36 13.64
N VAL B 15 -10.33 -14.17 14.15
CA VAL B 15 -8.99 -13.78 14.59
C VAL B 15 -9.12 -12.85 15.79
N VAL B 16 -8.38 -13.13 16.87
CA VAL B 16 -8.36 -12.27 18.04
C VAL B 16 -6.98 -11.65 18.16
N LEU B 17 -6.92 -10.32 18.17
CA LEU B 17 -5.65 -9.59 18.17
C LEU B 17 -5.46 -8.88 19.50
N ALA B 18 -4.34 -9.15 20.17
CA ALA B 18 -3.96 -8.32 21.31
C ALA B 18 -3.71 -6.88 20.88
N GLU B 19 -3.20 -6.68 19.66
CA GLU B 19 -2.97 -5.35 19.13
C GLU B 19 -2.67 -5.46 17.65
N GLN B 20 -2.88 -4.35 16.94
CA GLN B 20 -2.49 -4.28 15.54
C GLN B 20 -2.16 -2.84 15.20
N GLY B 21 -1.44 -2.66 14.10
CA GLY B 21 -1.17 -1.33 13.63
C GLY B 21 -0.16 -1.35 12.52
N SER B 22 0.31 -0.15 12.17
CA SER B 22 1.32 -0.02 11.13
C SER B 22 2.18 1.20 11.41
N PHE B 23 3.34 1.22 10.77
CA PHE B 23 4.27 2.33 10.97
C PHE B 23 5.22 2.37 9.79
N TYR B 24 5.94 3.48 9.70
CA TYR B 24 6.99 3.66 8.69
C TYR B 24 8.33 3.53 9.37
N ILE B 25 9.29 2.95 8.65
CA ILE B 25 10.64 2.83 9.17
C ILE B 25 11.63 2.94 8.02
N GLY B 26 12.84 3.43 8.34
CA GLY B 26 13.88 3.49 7.33
C GLY B 26 13.73 4.68 6.39
N GLY B 27 14.61 4.74 5.39
CA GLY B 27 14.59 5.82 4.43
C GLY B 27 15.56 6.93 4.80
N ARG B 28 15.62 7.95 3.94
CA ARG B 28 16.49 9.10 4.14
C ARG B 28 15.77 10.34 3.63
N THR B 29 16.46 11.47 3.61
CA THR B 29 15.89 12.69 3.05
C THR B 29 16.79 13.25 1.98
N VAL B 30 16.15 13.88 0.98
CA VAL B 30 16.83 14.66 -0.04
C VAL B 30 16.17 16.04 -0.06
N THR B 31 16.89 17.01 -0.59
CA THR B 31 16.45 18.40 -0.47
C THR B 31 16.55 19.13 -1.80
N GLY B 32 15.62 20.05 -1.99
CA GLY B 32 15.65 20.96 -3.10
C GLY B 32 16.43 22.21 -2.74
N PRO B 33 16.68 23.07 -3.73
CA PRO B 33 17.43 24.31 -3.47
C PRO B 33 16.54 25.38 -2.89
N GLY B 34 17.18 26.38 -2.29
CA GLY B 34 16.48 27.55 -1.82
C GLY B 34 15.85 27.36 -0.45
N LYS B 35 14.92 28.25 -0.14
CA LYS B 35 14.30 28.34 1.17
C LYS B 35 12.78 28.39 0.99
N PHE B 36 12.07 27.77 1.92
CA PHE B 36 10.61 27.72 1.86
C PHE B 36 10.02 28.97 2.51
N ASP B 37 9.15 29.66 1.78
CA ASP B 37 8.49 30.88 2.26
C ASP B 37 7.02 30.59 2.49
N PRO B 38 6.53 30.55 3.74
CA PRO B 38 5.12 30.22 3.97
C PRO B 38 4.13 31.26 3.47
N SER B 39 4.58 32.46 3.11
CA SER B 39 3.68 33.48 2.58
C SER B 39 3.43 33.32 1.08
N LYS B 40 4.26 32.54 0.40
CA LYS B 40 4.13 32.31 -1.02
C LYS B 40 3.17 31.15 -1.28
N PRO B 41 2.55 31.11 -2.46
CA PRO B 41 1.60 30.02 -2.76
C PRO B 41 2.27 28.67 -2.65
N VAL B 42 1.70 27.83 -1.80
CA VAL B 42 2.27 26.49 -1.57
C VAL B 42 1.90 25.53 -2.70
N ILE B 43 0.81 25.80 -3.39
CA ILE B 43 0.33 24.97 -4.49
C ILE B 43 0.25 25.86 -5.72
N PRO B 44 0.76 25.45 -6.89
CA PRO B 44 1.36 24.14 -7.22
C PRO B 44 2.62 23.85 -6.43
N TYR B 45 2.79 22.59 -6.08
CA TYR B 45 3.93 22.20 -5.24
C TYR B 45 5.23 22.45 -5.98
N SER B 46 6.26 22.80 -5.20
CA SER B 46 7.55 23.21 -5.72
C SER B 46 8.65 22.48 -4.96
N ASN B 47 9.80 22.29 -5.61
CA ASN B 47 10.97 21.79 -4.93
C ASN B 47 11.69 22.85 -4.11
N GLU B 48 11.28 24.11 -4.20
CA GLU B 48 12.03 25.18 -3.56
C GLU B 48 11.99 25.04 -2.04
N GLY B 49 13.16 25.00 -1.42
CA GLY B 49 13.24 24.82 0.03
C GLY B 49 12.71 23.49 0.52
N ALA B 50 12.61 22.49 -0.35
CA ALA B 50 11.91 21.26 -0.04
C ALA B 50 12.82 20.25 0.65
N THR B 51 12.27 19.58 1.65
CA THR B 51 12.78 18.31 2.18
C THR B 51 11.81 17.22 1.75
N PHE B 52 12.35 16.13 1.19
CA PHE B 52 11.56 14.97 0.80
C PHE B 52 12.06 13.74 1.53
N TYR B 53 11.14 13.03 2.19
CA TYR B 53 11.46 11.72 2.77
C TYR B 53 11.34 10.66 1.70
N ILE B 54 12.43 9.93 1.43
CA ILE B 54 12.41 8.93 0.36
C ILE B 54 12.88 7.58 0.88
N ASN B 55 12.38 6.53 0.21
CA ASN B 55 12.81 5.14 0.36
C ASN B 55 12.48 4.54 1.72
N GLN B 56 11.52 5.13 2.43
CA GLN B 56 10.99 4.54 3.66
C GLN B 56 10.10 3.33 3.34
N MET B 57 9.91 2.47 4.34
CA MET B 57 9.17 1.23 4.16
C MET B 57 7.94 1.22 5.07
N TYR B 58 6.83 0.67 4.56
CA TYR B 58 5.63 0.47 5.36
C TYR B 58 5.64 -0.90 6.01
N VAL B 59 5.24 -0.93 7.28
CA VAL B 59 5.21 -2.13 8.12
C VAL B 59 3.87 -2.23 8.83
N ASN B 60 3.21 -3.38 8.71
CA ASN B 60 2.00 -3.69 9.46
C ASN B 60 2.27 -4.84 10.41
N PHE B 61 1.62 -4.83 11.57
CA PHE B 61 1.77 -5.92 12.52
C PHE B 61 0.43 -6.31 13.12
N GLN B 62 0.30 -7.59 13.44
CA GLN B 62 -0.87 -8.12 14.14
C GLN B 62 -0.35 -9.11 15.17
N ALA B 63 -0.70 -8.88 16.43
CA ALA B 63 -0.18 -9.72 17.48
C ALA B 63 -1.30 -10.51 18.10
N PRO B 64 -1.14 -11.81 18.29
CA PRO B 64 -2.19 -12.61 18.91
C PRO B 64 -2.17 -12.43 20.42
N VAL B 65 -3.25 -12.87 21.06
CA VAL B 65 -3.22 -13.08 22.49
C VAL B 65 -2.33 -14.28 22.78
N ARG B 66 -1.51 -14.17 23.82
CA ARG B 66 -0.53 -15.18 24.19
C ARG B 66 0.32 -15.62 22.99
N PRO B 67 1.17 -14.74 22.45
CA PRO B 67 2.05 -15.18 21.36
C PRO B 67 3.00 -16.26 21.85
N ARG B 68 3.47 -17.07 20.91
CA ARG B 68 4.48 -18.07 21.20
C ARG B 68 5.56 -18.00 20.12
N GLY B 69 6.78 -18.28 20.52
CA GLY B 69 7.84 -18.29 19.52
C GLY B 69 8.12 -16.91 18.97
N LEU B 70 8.79 -16.90 17.82
CA LEU B 70 9.31 -15.67 17.25
C LEU B 70 8.31 -15.04 16.29
N PRO B 71 8.30 -13.70 16.21
CA PRO B 71 7.47 -13.04 15.20
C PRO B 71 7.95 -13.41 13.80
N LEU B 72 7.01 -13.47 12.87
CA LEU B 72 7.30 -13.75 11.48
C LEU B 72 7.21 -12.45 10.69
N VAL B 73 8.13 -12.27 9.76
CA VAL B 73 8.13 -11.11 8.87
C VAL B 73 7.89 -11.64 7.47
N PHE B 74 6.70 -11.38 6.90
CA PHE B 74 6.39 -11.82 5.55
C PHE B 74 6.76 -10.72 4.57
N TRP B 75 7.58 -11.09 3.57
CA TRP B 75 8.21 -10.15 2.64
C TRP B 75 7.82 -10.54 1.21
N HIS B 76 6.96 -9.71 0.62
CA HIS B 76 6.41 -9.95 -0.72
C HIS B 76 7.49 -10.03 -1.81
N GLY B 77 7.16 -10.73 -2.89
CA GLY B 77 8.04 -10.81 -4.04
C GLY B 77 7.97 -9.55 -4.91
N GLY B 78 8.67 -9.62 -6.04
CA GLY B 78 8.85 -8.44 -6.86
C GLY B 78 7.54 -7.94 -7.44
N GLY B 79 7.37 -6.62 -7.41
CA GLY B 79 6.16 -5.99 -7.91
C GLY B 79 4.90 -6.24 -7.10
N LEU B 80 5.02 -6.75 -5.87
CA LEU B 80 3.87 -7.12 -5.05
C LEU B 80 3.81 -6.24 -3.80
N THR B 81 2.89 -6.59 -2.89
CA THR B 81 2.72 -5.88 -1.62
C THR B 81 2.32 -6.88 -0.56
N GLY B 82 2.18 -6.38 0.67
CA GLY B 82 1.70 -7.20 1.78
C GLY B 82 0.33 -7.84 1.54
N HIS B 83 -0.42 -7.35 0.54
CA HIS B 83 -1.71 -7.94 0.22
C HIS B 83 -1.62 -9.46 0.05
N ILE B 84 -0.52 -9.95 -0.53
CA ILE B 84 -0.47 -11.37 -0.90
C ILE B 84 -0.41 -12.26 0.34
N TRP B 85 -0.09 -11.70 1.51
CA TRP B 85 -0.14 -12.42 2.77
C TRP B 85 -1.45 -12.22 3.52
N GLU B 86 -2.25 -11.24 3.11
CA GLU B 86 -3.53 -10.96 3.77
C GLU B 86 -4.63 -11.89 3.27
N SER B 87 -4.76 -12.02 1.95
CA SER B 87 -5.82 -12.81 1.34
C SER B 87 -5.32 -13.40 0.03
N THR B 88 -5.98 -14.48 -0.39
CA THR B 88 -5.76 -15.06 -1.71
C THR B 88 -6.61 -14.29 -2.73
N PRO B 89 -6.34 -14.44 -4.02
CA PRO B 89 -7.13 -13.70 -5.00
C PRO B 89 -8.61 -14.02 -4.94
N ASP B 90 -8.97 -15.23 -4.51
CA ASP B 90 -10.37 -15.60 -4.35
C ASP B 90 -10.90 -15.36 -2.94
N GLY B 91 -10.19 -14.60 -2.11
CA GLY B 91 -10.75 -14.16 -0.84
C GLY B 91 -10.59 -15.12 0.32
N ARG B 92 -9.77 -16.17 0.18
CA ARG B 92 -9.50 -17.03 1.31
C ARG B 92 -8.41 -16.42 2.19
N PRO B 93 -8.34 -16.81 3.47
CA PRO B 93 -7.33 -16.23 4.36
C PRO B 93 -5.91 -16.46 3.86
N GLY B 94 -5.09 -15.41 3.98
CA GLY B 94 -3.67 -15.52 3.71
C GLY B 94 -2.89 -15.91 4.96
N PHE B 95 -1.56 -15.99 4.79
CA PHE B 95 -0.68 -16.47 5.85
C PHE B 95 -0.72 -15.55 7.07
N GLN B 96 -1.03 -14.26 6.87
CA GLN B 96 -1.18 -13.36 8.01
C GLN B 96 -2.21 -13.90 8.99
N THR B 97 -3.42 -14.16 8.51
CA THR B 97 -4.46 -14.71 9.38
C THR B 97 -4.07 -16.10 9.87
N LEU B 98 -3.55 -16.94 8.99
CA LEU B 98 -3.26 -18.31 9.39
C LEU B 98 -2.24 -18.36 10.51
N PHE B 99 -1.23 -17.49 10.47
CA PHE B 99 -0.20 -17.60 11.49
C PHE B 99 -0.49 -16.80 12.74
N VAL B 100 -1.36 -15.79 12.68
CA VAL B 100 -1.86 -15.22 13.92
C VAL B 100 -2.70 -16.25 14.67
N GLN B 101 -3.52 -17.00 13.93
CA GLN B 101 -4.23 -18.13 14.52
C GLN B 101 -3.26 -19.18 15.06
N ASP B 102 -2.10 -19.35 14.41
CA ASP B 102 -1.03 -20.22 14.91
C ASP B 102 -0.24 -19.58 16.05
N ARG B 103 -0.71 -18.44 16.56
CA ARG B 103 -0.16 -17.77 17.75
C ARG B 103 1.22 -17.16 17.52
N HIS B 104 1.53 -16.76 16.28
CA HIS B 104 2.69 -15.92 16.03
C HIS B 104 2.26 -14.48 15.81
N THR B 105 3.06 -13.55 16.32
CA THR B 105 2.96 -12.17 15.89
C THR B 105 3.44 -12.09 14.44
N VAL B 106 2.67 -11.41 13.60
CA VAL B 106 2.93 -11.40 12.17
C VAL B 106 3.15 -9.97 11.71
N TYR B 107 4.32 -9.72 11.13
CA TYR B 107 4.64 -8.48 10.42
C TYR B 107 4.51 -8.72 8.92
N THR B 108 3.86 -7.79 8.23
CA THR B 108 3.90 -7.75 6.77
C THR B 108 4.41 -6.39 6.35
N ILE B 109 5.22 -6.35 5.29
CA ILE B 109 5.85 -5.12 4.84
C ILE B 109 5.44 -4.81 3.41
N ASP B 110 5.42 -3.51 3.08
CA ASP B 110 5.49 -3.01 1.71
C ASP B 110 6.87 -2.37 1.59
N GLN B 111 7.77 -3.03 0.86
CA GLN B 111 9.15 -2.58 0.82
C GLN B 111 9.25 -1.22 0.13
N PRO B 112 10.33 -0.47 0.35
CA PRO B 112 10.50 0.81 -0.34
C PRO B 112 10.31 0.61 -1.84
N GLY B 113 9.51 1.49 -2.45
CA GLY B 113 9.24 1.41 -3.87
C GLY B 113 7.99 0.63 -4.23
N ARG B 114 7.32 0.01 -3.25
CA ARG B 114 6.16 -0.86 -3.52
C ARG B 114 5.02 -0.55 -2.56
N GLY B 115 3.80 -0.51 -3.09
CA GLY B 115 2.64 -0.35 -2.22
C GLY B 115 2.76 0.90 -1.37
N ARG B 116 2.59 0.74 -0.05
CA ARG B 116 2.63 1.87 0.86
C ARG B 116 4.04 2.32 1.18
N GLY B 117 5.05 1.59 0.71
CA GLY B 117 6.41 2.10 0.75
C GLY B 117 6.55 3.33 -0.15
N ASN B 118 7.64 4.08 0.04
CA ASN B 118 7.81 5.32 -0.72
C ASN B 118 8.21 5.06 -2.17
N ILE B 119 7.62 5.84 -3.06
CA ILE B 119 8.06 5.92 -4.45
C ILE B 119 8.74 7.28 -4.63
N PRO B 120 10.06 7.33 -4.79
CA PRO B 120 10.76 8.62 -4.72
C PRO B 120 10.64 9.44 -5.99
N THR B 121 9.72 10.40 -5.98
CA THR B 121 9.56 11.31 -7.11
C THR B 121 9.10 12.65 -6.55
N PHE B 122 9.23 13.69 -7.38
CA PHE B 122 9.24 15.07 -6.89
C PHE B 122 8.44 15.95 -7.84
N ASN B 123 8.84 17.19 -8.02
CA ASN B 123 8.21 18.07 -9.00
C ASN B 123 9.12 18.14 -10.21
N GLY B 124 8.77 17.40 -11.24
CA GLY B 124 9.61 17.22 -12.41
C GLY B 124 9.42 15.84 -13.00
N PRO B 125 10.19 15.52 -14.04
CA PRO B 125 10.13 14.17 -14.61
C PRO B 125 10.31 13.11 -13.53
N PHE B 126 9.60 12.00 -13.70
CA PHE B 126 9.54 10.94 -12.68
C PHE B 126 10.93 10.60 -12.16
N GLY B 127 11.05 10.64 -10.84
CA GLY B 127 12.26 10.24 -10.15
C GLY B 127 13.39 11.25 -10.15
N GLN B 128 13.22 12.39 -10.79
CA GLN B 128 14.28 13.40 -10.93
C GLN B 128 14.05 14.54 -9.95
N LEU B 129 15.07 14.84 -9.15
CA LEU B 129 15.06 15.99 -8.24
C LEU B 129 16.05 17.00 -8.82
N GLU B 130 15.52 18.06 -9.43
CA GLU B 130 16.36 18.99 -10.19
C GLU B 130 17.24 18.24 -11.18
N GLU B 131 18.55 18.40 -11.05
CA GLU B 131 19.48 17.75 -11.97
C GLU B 131 19.80 16.31 -11.57
N GLU B 132 19.37 15.84 -10.41
CA GLU B 132 19.75 14.52 -9.91
C GLU B 132 18.68 13.48 -10.21
N SER B 133 19.11 12.34 -10.76
CA SER B 133 18.25 11.19 -10.97
C SER B 133 18.24 10.34 -9.70
N ILE B 134 17.16 10.42 -8.92
CA ILE B 134 17.05 9.56 -7.74
C ILE B 134 16.67 8.14 -8.14
N VAL B 135 15.63 7.98 -8.96
CA VAL B 135 15.34 6.74 -9.65
C VAL B 135 15.12 7.07 -11.12
N ASN B 136 15.13 6.02 -11.94
CA ASN B 136 15.07 6.20 -13.39
C ASN B 136 13.67 6.64 -13.82
N THR B 137 13.62 7.56 -14.80
CA THR B 137 12.35 7.98 -15.37
C THR B 137 11.72 6.88 -16.21
N VAL B 138 12.55 6.06 -16.86
CA VAL B 138 12.03 4.93 -17.63
C VAL B 138 11.78 3.77 -16.68
N THR B 139 10.55 3.25 -16.71
CA THR B 139 10.17 2.15 -15.83
C THR B 139 10.15 0.84 -16.61
N GLY B 140 10.10 -0.26 -15.84
CA GLY B 140 9.78 -1.55 -16.38
C GLY B 140 8.63 -2.17 -15.60
N ASN B 141 7.90 -3.07 -16.27
CA ASN B 141 6.75 -3.71 -15.65
C ASN B 141 6.33 -4.92 -16.46
N SER B 142 6.10 -6.04 -15.81
CA SER B 142 5.60 -7.23 -16.48
C SER B 142 4.20 -6.99 -17.02
N SER B 143 3.88 -7.71 -18.08
CA SER B 143 2.50 -7.80 -18.52
C SER B 143 1.77 -8.92 -17.77
N LYS B 144 0.46 -8.96 -17.96
CA LYS B 144 -0.30 -10.11 -17.50
C LYS B 144 0.28 -11.39 -18.09
N GLU B 145 0.63 -11.34 -19.37
CA GLU B 145 1.16 -12.51 -20.06
C GLU B 145 2.50 -12.95 -19.49
N GLY B 146 3.40 -12.00 -19.25
CA GLY B 146 4.69 -12.33 -18.65
C GLY B 146 4.54 -12.92 -17.27
N ALA B 147 3.61 -12.37 -16.48
CA ALA B 147 3.40 -12.88 -15.12
C ALA B 147 2.78 -14.27 -15.14
N TRP B 148 1.84 -14.51 -16.06
CA TRP B 148 1.24 -15.84 -16.18
C TRP B 148 2.29 -16.92 -16.31
N VAL B 149 3.27 -16.73 -17.21
CA VAL B 149 4.26 -17.79 -17.41
C VAL B 149 5.35 -17.74 -16.34
N ARG B 150 5.68 -16.54 -15.84
CA ARG B 150 6.61 -16.42 -14.71
C ARG B 150 6.13 -17.20 -13.49
N ASP B 151 4.83 -17.15 -13.21
CA ASP B 151 4.32 -17.77 -12.01
C ASP B 151 3.86 -19.21 -12.24
N ARG B 152 4.07 -19.71 -13.45
CA ARG B 152 3.77 -21.09 -13.82
C ARG B 152 2.30 -21.47 -13.56
N LEU B 153 1.39 -20.54 -13.87
CA LEU B 153 -0.02 -20.93 -13.97
C LEU B 153 -0.22 -21.98 -15.04
N GLY B 154 0.48 -21.79 -16.17
CA GLY B 154 0.52 -22.73 -17.27
C GLY B 154 1.70 -22.36 -18.17
N PRO B 155 1.89 -23.16 -19.22
CA PRO B 155 3.02 -22.89 -20.13
C PRO B 155 2.83 -21.66 -21.01
N ALA B 156 1.60 -21.22 -21.23
CA ALA B 156 1.31 -20.05 -22.04
C ALA B 156 0.10 -19.35 -21.44
N PRO B 157 -0.05 -18.04 -21.67
CA PRO B 157 -1.21 -17.32 -21.13
C PRO B 157 -2.51 -17.98 -21.56
N GLY B 158 -3.45 -18.07 -20.63
CA GLY B 158 -4.72 -18.72 -20.85
C GLY B 158 -4.75 -20.21 -20.55
N GLN B 159 -3.59 -20.84 -20.45
CA GLN B 159 -3.49 -22.28 -20.25
C GLN B 159 -3.13 -22.57 -18.80
N PHE B 160 -3.68 -23.66 -18.27
CA PHE B 160 -3.35 -24.10 -16.92
C PHE B 160 -2.72 -25.48 -16.96
N PHE B 161 -1.74 -25.70 -16.10
CA PHE B 161 -1.23 -27.05 -15.89
C PHE B 161 -2.32 -27.94 -15.34
N GLU B 162 -2.22 -29.24 -15.66
CA GLU B 162 -3.26 -30.19 -15.29
C GLU B 162 -3.55 -30.17 -13.80
N ASN B 163 -2.52 -30.07 -12.97
CA ASN B 163 -2.71 -30.28 -11.54
C ASN B 163 -3.04 -29.00 -10.77
N SER B 164 -3.40 -27.92 -11.46
CA SER B 164 -3.19 -26.56 -10.95
C SER B 164 -3.91 -26.29 -9.63
N GLN B 165 -3.18 -25.69 -8.69
CA GLN B 165 -3.74 -25.15 -7.47
C GLN B 165 -4.07 -23.67 -7.56
N PHE B 166 -3.89 -23.05 -8.73
CA PHE B 166 -4.25 -21.65 -8.89
C PHE B 166 -5.74 -21.46 -8.66
N PRO B 167 -6.17 -20.36 -8.01
CA PRO B 167 -7.60 -20.11 -7.87
C PRO B 167 -8.21 -19.66 -9.19
N ARG B 168 -8.47 -20.63 -10.05
CA ARG B 168 -9.03 -20.35 -11.37
C ARG B 168 -10.34 -19.59 -11.29
N GLY B 169 -10.46 -18.58 -12.17
CA GLY B 169 -11.60 -17.68 -12.18
C GLY B 169 -11.31 -16.35 -11.55
N TYR B 170 -10.19 -16.23 -10.83
CA TYR B 170 -9.81 -15.02 -10.11
C TYR B 170 -8.54 -14.42 -10.69
N GLU B 171 -8.34 -14.62 -12.00
CA GLU B 171 -7.18 -14.05 -12.68
C GLU B 171 -7.17 -12.53 -12.58
N ASP B 172 -8.32 -11.88 -12.75
CA ASP B 172 -8.33 -10.42 -12.65
C ASP B 172 -7.82 -9.97 -11.28
N ASN B 173 -8.36 -10.55 -10.21
CA ASN B 173 -7.93 -10.18 -8.86
C ASN B 173 -6.43 -10.38 -8.72
N TYR B 174 -5.96 -11.53 -9.19
CA TYR B 174 -4.56 -11.91 -9.04
C TYR B 174 -3.64 -10.93 -9.75
N PHE B 175 -3.86 -10.68 -11.05
CA PHE B 175 -2.91 -9.83 -11.76
C PHE B 175 -3.03 -8.37 -11.34
N LYS B 176 -4.17 -7.96 -10.82
CA LYS B 176 -4.34 -6.59 -10.32
C LYS B 176 -3.43 -6.27 -9.14
N GLU B 177 -2.93 -7.29 -8.43
CA GLU B 177 -2.09 -7.02 -7.27
C GLU B 177 -0.65 -6.67 -7.64
N MET B 178 -0.32 -6.72 -8.93
CA MET B 178 1.06 -6.64 -9.44
C MET B 178 1.33 -5.28 -10.07
N GLY B 179 2.57 -4.79 -9.90
CA GLY B 179 2.93 -3.55 -10.56
C GLY B 179 4.42 -3.31 -10.63
N PHE B 180 4.77 -2.09 -11.07
CA PHE B 180 6.17 -1.74 -11.30
C PHE B 180 6.90 -1.46 -9.98
N SER B 181 8.22 -1.43 -10.08
CA SER B 181 9.08 -0.99 -9.01
C SER B 181 10.08 0.02 -9.56
N PRO B 182 10.22 1.19 -8.94
CA PRO B 182 11.25 2.14 -9.36
C PRO B 182 12.63 1.60 -9.03
N SER B 183 13.66 2.24 -9.58
CA SER B 183 15.01 1.68 -9.51
C SER B 183 15.73 2.05 -8.21
N ILE B 184 15.06 1.86 -7.08
CA ILE B 184 15.71 2.06 -5.79
C ILE B 184 16.83 1.04 -5.62
N SER B 185 17.96 1.49 -5.08
CA SER B 185 19.08 0.60 -4.85
C SER B 185 18.67 -0.53 -3.89
N SER B 186 19.01 -1.77 -4.25
CA SER B 186 18.73 -2.88 -3.36
C SER B 186 19.36 -2.70 -1.99
N ASP B 187 20.50 -1.99 -1.92
CA ASP B 187 21.13 -1.72 -0.64
C ASP B 187 20.18 -0.99 0.30
N GLU B 188 19.40 -0.04 -0.24
CA GLU B 188 18.48 0.73 0.58
C GLU B 188 17.26 -0.09 0.98
N ILE B 189 16.87 -1.06 0.16
CA ILE B 189 15.77 -1.94 0.54
C ILE B 189 16.22 -2.86 1.67
N VAL B 190 17.41 -3.45 1.52
CA VAL B 190 17.98 -4.28 2.59
C VAL B 190 18.14 -3.46 3.88
N ASP B 191 18.61 -2.21 3.76
CA ASP B 191 18.81 -1.37 4.93
C ASP B 191 17.50 -1.19 5.71
N ALA B 192 16.41 -0.92 5.00
CA ALA B 192 15.14 -0.72 5.70
C ALA B 192 14.73 -1.96 6.48
N VAL B 193 14.94 -3.14 5.89
CA VAL B 193 14.51 -4.34 6.61
C VAL B 193 15.48 -4.66 7.75
N VAL B 194 16.77 -4.36 7.58
CA VAL B 194 17.70 -4.51 8.70
C VAL B 194 17.23 -3.67 9.89
N LYS B 195 16.77 -2.44 9.62
CA LYS B 195 16.28 -1.60 10.70
C LYS B 195 15.02 -2.18 11.33
N LEU B 196 14.12 -2.76 10.52
CA LEU B 196 12.93 -3.38 11.10
C LEU B 196 13.31 -4.56 12.00
N VAL B 197 14.24 -5.39 11.52
CA VAL B 197 14.68 -6.54 12.30
C VAL B 197 15.33 -6.09 13.61
N THR B 198 16.11 -5.00 13.56
CA THR B 198 16.66 -4.43 14.78
C THR B 198 15.56 -3.99 15.73
N HIS B 199 14.49 -3.40 15.20
CA HIS B 199 13.37 -2.96 16.03
C HIS B 199 12.60 -4.12 16.64
N ILE B 200 12.40 -5.20 15.88
CA ILE B 200 11.53 -6.30 16.30
C ILE B 200 12.21 -7.18 17.34
N GLY B 201 13.50 -7.43 17.17
CA GLY B 201 14.17 -8.47 17.91
C GLY B 201 14.26 -9.75 17.10
N PRO B 202 14.65 -10.83 17.74
CA PRO B 202 14.71 -12.14 17.07
C PRO B 202 13.42 -12.45 16.32
N CYS B 203 13.57 -12.90 15.07
CA CYS B 203 12.42 -13.07 14.21
C CYS B 203 12.77 -14.05 13.10
N VAL B 204 11.77 -14.38 12.29
CA VAL B 204 11.93 -15.27 11.14
C VAL B 204 11.55 -14.50 9.89
N LEU B 205 12.36 -14.58 8.84
CA LEU B 205 12.00 -13.99 7.55
C LEU B 205 11.33 -15.03 6.66
N VAL B 206 10.18 -14.67 6.09
CA VAL B 206 9.50 -15.50 5.11
C VAL B 206 9.45 -14.69 3.82
N THR B 207 10.20 -15.11 2.83
CA THR B 207 10.42 -14.34 1.61
C THR B 207 9.80 -15.03 0.41
N HIS B 208 9.94 -14.38 -0.75
CA HIS B 208 9.20 -14.76 -1.94
C HIS B 208 9.87 -14.17 -3.17
N ALA B 209 10.22 -15.02 -4.14
CA ALA B 209 10.69 -14.53 -5.43
C ALA B 209 11.78 -13.48 -5.26
N ALA B 210 11.52 -12.23 -5.66
CA ALA B 210 12.56 -11.20 -5.62
C ALA B 210 13.09 -10.94 -4.21
N SER B 211 12.28 -11.17 -3.17
CA SER B 211 12.81 -10.84 -1.86
C SER B 211 13.64 -11.96 -1.28
N GLY B 212 13.76 -13.09 -1.99
CA GLY B 212 14.60 -14.18 -1.52
C GLY B 212 16.02 -13.71 -1.28
N VAL B 213 16.66 -13.18 -2.32
CA VAL B 213 18.05 -12.76 -2.18
C VAL B 213 18.17 -11.62 -1.18
N LEU B 214 17.15 -10.75 -1.12
CA LEU B 214 17.21 -9.61 -0.22
C LEU B 214 17.15 -10.09 1.24
N GLY B 215 16.36 -11.12 1.51
CA GLY B 215 16.28 -11.65 2.86
C GLY B 215 17.55 -12.37 3.26
N MET B 216 18.16 -13.12 2.34
CA MET B 216 19.48 -13.68 2.61
C MET B 216 20.46 -12.59 2.99
N ARG B 217 20.49 -11.49 2.23
CA ARG B 217 21.38 -10.38 2.57
C ARG B 217 21.07 -9.79 3.94
N VAL B 218 19.78 -9.59 4.26
CA VAL B 218 19.41 -9.06 5.57
C VAL B 218 19.99 -9.92 6.69
N ALA B 219 19.83 -11.24 6.56
CA ALA B 219 20.33 -12.15 7.58
C ALA B 219 21.84 -12.02 7.79
N THR B 220 22.61 -11.72 6.74
CA THR B 220 24.05 -11.55 6.93
C THR B 220 24.40 -10.26 7.63
N HIS B 221 23.46 -9.31 7.71
CA HIS B 221 23.68 -8.08 8.44
C HIS B 221 22.94 -8.02 9.76
N ALA B 222 22.10 -9.01 10.07
CA ALA B 222 21.20 -8.94 11.22
C ALA B 222 21.13 -10.31 11.89
N LYS B 223 21.85 -10.45 13.00
CA LYS B 223 21.81 -11.69 13.77
C LYS B 223 20.43 -11.97 14.36
N ASN B 224 19.54 -10.97 14.43
CA ASN B 224 18.19 -11.25 14.90
C ASN B 224 17.41 -12.15 13.95
N VAL B 225 17.81 -12.26 12.68
CA VAL B 225 17.13 -13.22 11.81
C VAL B 225 17.55 -14.61 12.25
N ARG B 226 16.60 -15.36 12.81
N ARG B 226 16.60 -15.38 12.80
CA ARG B 226 16.86 -16.69 13.36
CA ARG B 226 16.89 -16.69 13.34
C ARG B 226 16.44 -17.82 12.43
C ARG B 226 16.49 -17.82 12.40
N GLY B 227 15.92 -17.51 11.25
CA GLY B 227 15.51 -18.52 10.31
C GLY B 227 14.97 -17.88 9.06
N ILE B 228 15.04 -18.57 7.93
CA ILE B 228 14.50 -18.06 6.67
C ILE B 228 13.72 -19.18 6.00
N VAL B 229 12.51 -18.86 5.54
CA VAL B 229 11.80 -19.72 4.60
C VAL B 229 11.54 -18.87 3.37
N ALA B 230 12.07 -19.29 2.23
CA ALA B 230 11.96 -18.53 0.98
C ALA B 230 11.11 -19.31 -0.01
N TYR B 231 9.99 -18.73 -0.42
CA TYR B 231 9.13 -19.33 -1.43
C TYR B 231 9.60 -18.94 -2.82
N GLU B 232 10.04 -19.92 -3.61
CA GLU B 232 10.42 -19.71 -4.99
C GLU B 232 11.30 -18.49 -5.21
N PRO B 233 12.48 -18.44 -4.56
CA PRO B 233 13.35 -17.28 -4.69
C PRO B 233 13.86 -17.14 -6.12
N ALA B 234 14.04 -15.89 -6.55
CA ALA B 234 14.33 -15.57 -7.95
C ALA B 234 15.82 -15.40 -8.26
N THR B 235 16.65 -15.02 -7.28
CA THR B 235 18.07 -14.77 -7.49
C THR B 235 18.89 -15.58 -6.50
N SER B 236 19.86 -16.33 -7.01
CA SER B 236 20.75 -17.14 -6.17
C SER B 236 21.89 -16.29 -5.61
N ILE B 237 22.47 -16.77 -4.51
CA ILE B 237 23.54 -16.04 -3.83
C ILE B 237 24.72 -16.98 -3.56
N PHE B 238 25.92 -16.45 -3.70
CA PHE B 238 27.15 -17.21 -3.55
C PHE B 238 28.23 -16.33 -2.91
N PRO B 239 29.25 -16.93 -2.31
CA PRO B 239 30.40 -16.14 -1.87
C PRO B 239 31.10 -15.54 -3.07
N LYS B 240 31.68 -14.36 -2.88
CA LYS B 240 32.38 -13.66 -3.95
C LYS B 240 33.45 -14.55 -4.56
N GLY B 241 33.43 -14.67 -5.89
CA GLY B 241 34.42 -15.44 -6.61
C GLY B 241 34.21 -16.94 -6.60
N LYS B 242 33.13 -17.43 -5.99
CA LYS B 242 32.84 -18.86 -5.91
C LYS B 242 31.49 -19.19 -6.53
N VAL B 243 31.14 -18.52 -7.63
CA VAL B 243 29.91 -18.86 -8.33
C VAL B 243 30.21 -20.11 -9.16
N PRO B 244 29.47 -21.21 -8.95
CA PRO B 244 29.66 -22.40 -9.77
C PRO B 244 29.24 -22.17 -11.22
N GLU B 245 29.68 -23.09 -12.08
CA GLU B 245 29.23 -23.06 -13.46
C GLU B 245 27.75 -23.32 -13.51
N ILE B 246 27.02 -22.41 -14.15
CA ILE B 246 25.58 -22.51 -14.32
C ILE B 246 25.28 -22.43 -15.81
N PRO B 247 24.51 -23.36 -16.36
CA PRO B 247 24.32 -23.40 -17.81
C PRO B 247 23.42 -22.26 -18.26
N PRO B 248 23.46 -21.91 -19.54
CA PRO B 248 22.43 -21.02 -20.10
C PRO B 248 21.11 -21.76 -20.19
N LEU B 249 20.06 -21.07 -20.63
CA LEU B 249 18.77 -21.72 -20.81
C LEU B 249 18.79 -22.57 -22.09
N ALA B 250 17.69 -23.28 -22.31
CA ALA B 250 17.60 -24.22 -23.42
C ALA B 250 17.73 -23.53 -24.78
N ASP B 251 17.40 -22.25 -24.87
CA ASP B 251 17.63 -21.52 -26.11
C ASP B 251 19.12 -21.27 -26.39
N LYS B 252 20.00 -21.70 -25.50
CA LYS B 252 21.45 -21.54 -25.63
C LYS B 252 21.86 -20.10 -25.88
N LYS B 253 21.06 -19.15 -25.39
CA LYS B 253 21.46 -17.75 -25.39
C LYS B 253 21.03 -16.98 -24.14
N SER B 254 19.93 -17.36 -23.51
CA SER B 254 19.46 -16.68 -22.32
C SER B 254 20.15 -17.24 -21.07
N GLN B 255 20.22 -16.41 -20.04
CA GLN B 255 20.72 -16.84 -18.75
C GLN B 255 19.71 -16.49 -17.66
N ILE B 256 19.90 -17.11 -16.50
CA ILE B 256 19.08 -16.81 -15.32
C ILE B 256 19.56 -15.47 -14.74
N PHE B 257 19.01 -15.06 -13.62
CA PHE B 257 19.48 -13.80 -13.05
C PHE B 257 20.91 -13.95 -12.57
N PRO B 258 21.79 -12.99 -12.86
CA PRO B 258 23.17 -13.06 -12.37
C PRO B 258 23.20 -13.29 -10.88
N PRO B 259 23.85 -14.36 -10.42
CA PRO B 259 23.89 -14.62 -8.98
C PRO B 259 24.54 -13.48 -8.21
N PHE B 260 23.99 -13.20 -7.03
CA PHE B 260 24.54 -12.16 -6.18
C PHE B 260 25.73 -12.71 -5.42
N GLU B 261 26.81 -11.96 -5.37
CA GLU B 261 28.01 -12.41 -4.68
C GLU B 261 28.27 -11.52 -3.47
N ILE B 262 28.53 -12.14 -2.32
CA ILE B 262 28.85 -11.42 -1.10
C ILE B 262 30.14 -11.98 -0.53
N GLN B 263 30.81 -11.15 0.26
CA GLN B 263 32.03 -11.57 0.95
C GLN B 263 31.77 -12.81 1.80
N GLU B 264 32.73 -13.73 1.78
CA GLU B 264 32.52 -14.99 2.49
C GLU B 264 32.30 -14.78 3.98
N SER B 265 32.89 -13.73 4.57
CA SER B 265 32.64 -13.50 6.00
C SER B 265 31.18 -13.20 6.27
N TYR B 266 30.49 -12.60 5.31
CA TYR B 266 29.05 -12.42 5.48
C TYR B 266 28.29 -13.67 5.07
N PHE B 267 28.70 -14.31 3.98
CA PHE B 267 28.02 -15.53 3.54
C PHE B 267 27.98 -16.58 4.64
N LYS B 268 29.08 -16.73 5.40
CA LYS B 268 29.11 -17.75 6.44
C LYS B 268 28.08 -17.53 7.52
N LYS B 269 27.52 -16.31 7.65
CA LYS B 269 26.47 -16.14 8.65
C LYS B 269 25.21 -16.90 8.27
N LEU B 270 25.02 -17.19 6.99
CA LEU B 270 23.88 -17.99 6.58
C LEU B 270 23.98 -19.42 7.11
N ALA B 271 25.17 -19.86 7.49
CA ALA B 271 25.28 -21.22 8.00
C ALA B 271 24.85 -21.34 9.45
N LYS B 272 24.52 -20.22 10.11
CA LYS B 272 24.22 -20.25 11.53
C LYS B 272 22.74 -20.35 11.86
N ILE B 273 21.87 -20.36 10.84
CA ILE B 273 20.43 -20.40 11.04
C ILE B 273 19.82 -21.40 10.07
N PRO B 274 18.66 -21.96 10.42
CA PRO B 274 17.98 -22.86 9.49
C PRO B 274 17.40 -22.09 8.32
N ILE B 275 17.60 -22.61 7.12
CA ILE B 275 17.14 -21.97 5.88
C ILE B 275 16.45 -23.01 5.03
N GLN B 276 15.25 -22.70 4.54
CA GLN B 276 14.51 -23.61 3.66
C GLN B 276 14.06 -22.83 2.45
N PHE B 277 14.34 -23.36 1.26
CA PHE B 277 13.75 -22.87 0.02
C PHE B 277 12.61 -23.79 -0.38
N VAL B 278 11.45 -23.23 -0.70
CA VAL B 278 10.25 -24.00 -1.05
C VAL B 278 9.93 -23.75 -2.52
N PHE B 279 9.75 -24.83 -3.28
CA PHE B 279 9.38 -24.72 -4.69
C PHE B 279 8.07 -25.42 -4.96
N GLY B 280 7.29 -24.84 -5.86
CA GLY B 280 6.04 -25.42 -6.30
C GLY B 280 6.23 -26.46 -7.38
N ASP B 281 5.20 -26.65 -8.19
CA ASP B 281 5.16 -27.74 -9.17
C ASP B 281 5.45 -27.22 -10.58
N ASN B 282 5.60 -28.17 -11.50
CA ASN B 282 5.69 -27.95 -12.93
C ASN B 282 6.96 -27.23 -13.36
N ILE B 283 8.02 -27.32 -12.56
CA ILE B 283 9.36 -26.94 -12.99
C ILE B 283 9.93 -28.14 -13.74
N PRO B 284 10.29 -27.99 -15.00
CA PRO B 284 10.71 -29.17 -15.79
C PRO B 284 12.04 -29.70 -15.30
N LYS B 285 12.20 -31.02 -15.44
CA LYS B 285 13.51 -31.61 -15.18
C LYS B 285 14.45 -31.45 -16.36
N ASN B 286 13.92 -31.37 -17.57
CA ASN B 286 14.72 -31.33 -18.79
C ASN B 286 14.61 -29.98 -19.49
N PRO B 287 15.61 -29.62 -20.31
CA PRO B 287 15.50 -28.40 -21.11
C PRO B 287 14.18 -28.29 -21.86
N LYS B 288 13.58 -27.10 -21.77
CA LYS B 288 12.31 -26.77 -22.42
C LYS B 288 12.49 -25.50 -23.25
N SER B 289 12.94 -25.64 -24.49
CA SER B 289 13.19 -24.45 -25.30
C SER B 289 11.91 -23.76 -25.74
N ALA B 290 10.77 -24.46 -25.75
CA ALA B 290 9.52 -23.85 -26.18
C ALA B 290 8.93 -22.91 -25.14
N TYR B 291 9.34 -23.03 -23.87
CA TYR B 291 8.68 -22.27 -22.79
C TYR B 291 9.76 -21.65 -21.93
N TRP B 292 10.08 -20.39 -22.25
CA TRP B 292 11.26 -19.74 -21.72
C TRP B 292 11.23 -19.70 -20.20
N PHE B 293 10.08 -19.34 -19.61
CA PHE B 293 10.13 -19.12 -18.17
C PHE B 293 10.08 -20.45 -17.42
N LEU B 294 9.55 -21.51 -18.03
CA LEU B 294 9.69 -22.84 -17.43
C LEU B 294 11.15 -23.26 -17.39
N ASP B 295 11.86 -23.09 -18.51
CA ASP B 295 13.27 -23.43 -18.51
C ASP B 295 14.04 -22.55 -17.53
N TRP B 296 13.67 -21.26 -17.45
CA TRP B 296 14.31 -20.35 -16.50
C TRP B 296 14.20 -20.88 -15.08
N TRP B 297 13.03 -21.41 -14.70
CA TRP B 297 12.86 -21.94 -13.36
C TRP B 297 13.68 -23.20 -13.15
N ARG B 298 13.82 -24.01 -14.20
CA ARG B 298 14.65 -25.21 -14.09
C ARG B 298 16.08 -24.84 -13.72
N VAL B 299 16.66 -23.88 -14.43
CA VAL B 299 18.05 -23.53 -14.16
C VAL B 299 18.17 -22.69 -12.90
N THR B 300 17.15 -21.88 -12.58
CA THR B 300 17.22 -21.10 -11.35
C THR B 300 17.14 -21.99 -10.12
N ARG B 301 16.24 -22.97 -10.13
CA ARG B 301 16.19 -23.93 -9.03
C ARG B 301 17.50 -24.70 -8.91
N TYR B 302 18.10 -25.06 -10.03
CA TYR B 302 19.40 -25.73 -9.99
C TYR B 302 20.46 -24.84 -9.33
N ALA B 303 20.51 -23.57 -9.73
CA ALA B 303 21.45 -22.64 -9.10
C ALA B 303 21.20 -22.54 -7.60
N HIS B 304 19.93 -22.43 -7.20
CA HIS B 304 19.63 -22.38 -5.77
C HIS B 304 20.09 -23.65 -5.06
N SER B 305 19.95 -24.81 -5.70
CA SER B 305 20.41 -26.04 -5.06
C SER B 305 21.91 -25.95 -4.79
N LEU B 306 22.67 -25.35 -5.71
CA LEU B 306 24.11 -25.18 -5.50
C LEU B 306 24.39 -24.17 -4.40
N SER B 307 23.57 -23.12 -4.33
CA SER B 307 23.69 -22.13 -3.27
C SER B 307 23.50 -22.76 -1.89
N LEU B 308 22.43 -23.56 -1.74
CA LEU B 308 22.18 -24.22 -0.47
C LEU B 308 23.33 -25.17 -0.14
N GLU B 309 23.86 -25.87 -1.14
CA GLU B 309 24.99 -26.76 -0.90
C GLU B 309 26.20 -25.99 -0.38
N ALA B 310 26.46 -24.79 -0.91
CA ALA B 310 27.58 -24.00 -0.40
C ALA B 310 27.37 -23.63 1.06
N ILE B 311 26.15 -23.29 1.43
CA ILE B 311 25.86 -22.96 2.83
C ILE B 311 26.12 -24.18 3.71
N ASN B 312 25.71 -25.35 3.24
CA ASN B 312 25.87 -26.55 4.05
C ASN B 312 27.34 -26.93 4.17
N LYS B 313 28.15 -26.59 3.16
CA LYS B 313 29.58 -26.85 3.22
C LYS B 313 30.31 -25.89 4.14
N LEU B 314 29.61 -24.88 4.66
CA LEU B 314 30.16 -24.01 5.68
C LEU B 314 29.56 -24.32 7.04
N GLY B 315 28.95 -25.50 7.18
CA GLY B 315 28.40 -25.95 8.44
C GLY B 315 26.93 -25.66 8.63
N GLY B 316 26.20 -25.31 7.57
CA GLY B 316 24.85 -24.82 7.72
C GLY B 316 23.79 -25.92 7.73
N GLN B 317 22.53 -25.47 7.72
CA GLN B 317 21.39 -26.35 7.76
C GLN B 317 20.39 -25.75 6.76
N ALA B 318 20.73 -25.88 5.48
CA ALA B 318 19.99 -25.27 4.38
C ALA B 318 19.35 -26.35 3.54
N SER B 319 18.03 -26.28 3.34
CA SER B 319 17.32 -27.36 2.69
C SER B 319 16.44 -26.82 1.57
N LEU B 320 16.16 -27.71 0.62
CA LEU B 320 15.27 -27.42 -0.51
C LEU B 320 14.06 -28.34 -0.37
N LEU B 321 12.87 -27.75 -0.30
CA LEU B 321 11.62 -28.49 -0.19
C LEU B 321 10.85 -28.33 -1.50
N ASP B 322 10.74 -29.42 -2.25
CA ASP B 322 9.87 -29.48 -3.42
C ASP B 322 8.49 -29.92 -2.94
N LEU B 323 7.49 -29.03 -3.05
CA LEU B 323 6.16 -29.37 -2.55
C LEU B 323 5.62 -30.69 -3.11
N PRO B 324 5.84 -31.06 -4.36
CA PRO B 324 5.37 -32.40 -4.80
C PRO B 324 5.95 -33.54 -4.00
N THR B 325 7.21 -33.44 -3.54
CA THR B 325 7.74 -34.51 -2.71
C THR B 325 7.01 -34.62 -1.38
N ALA B 326 6.42 -33.53 -0.89
CA ALA B 326 5.61 -33.56 0.31
C ALA B 326 4.16 -33.92 0.02
N GLY B 327 3.86 -34.33 -1.22
CA GLY B 327 2.53 -34.75 -1.59
C GLY B 327 1.60 -33.65 -2.01
N LEU B 328 2.10 -32.43 -2.19
CA LEU B 328 1.29 -31.31 -2.65
C LEU B 328 1.59 -31.09 -4.13
N ARG B 329 0.59 -31.26 -4.98
CA ARG B 329 0.80 -31.14 -6.41
C ARG B 329 0.08 -29.92 -6.97
N GLY B 330 0.65 -29.34 -8.01
CA GLY B 330 0.00 -28.28 -8.75
C GLY B 330 0.28 -26.88 -8.29
N ASN B 331 1.20 -26.68 -7.36
CA ASN B 331 1.39 -25.33 -6.85
C ASN B 331 2.04 -24.43 -7.88
N THR B 332 1.69 -23.15 -7.82
CA THR B 332 2.29 -22.14 -8.67
C THR B 332 3.50 -21.56 -7.94
N ALA B 333 4.09 -20.51 -8.50
CA ALA B 333 5.16 -19.80 -7.83
C ALA B 333 4.67 -18.92 -6.66
N PHE B 334 3.36 -18.93 -6.35
CA PHE B 334 2.81 -18.29 -5.16
C PHE B 334 2.10 -19.35 -4.31
N PRO B 335 2.84 -20.32 -3.75
CA PRO B 335 2.13 -21.43 -3.07
C PRO B 335 1.28 -20.98 -1.90
N PHE B 336 1.63 -19.86 -1.27
CA PHE B 336 0.92 -19.36 -0.11
C PHE B 336 -0.39 -18.66 -0.47
N THR B 337 -0.72 -18.50 -1.76
CA THR B 337 -2.07 -18.05 -2.12
C THR B 337 -2.81 -19.05 -2.99
N ASP B 338 -2.22 -20.21 -3.24
CA ASP B 338 -2.87 -21.28 -4.00
C ASP B 338 -4.01 -21.88 -3.20
N ARG B 339 -4.80 -22.75 -3.89
CA ARG B 339 -5.98 -23.35 -3.25
C ARG B 339 -5.62 -24.24 -2.08
N ASN B 340 -4.41 -24.80 -2.04
CA ASN B 340 -3.97 -25.64 -0.93
C ASN B 340 -3.07 -24.87 0.02
N ASN B 341 -3.25 -23.55 0.15
CA ASN B 341 -2.27 -22.79 0.94
C ASN B 341 -2.35 -23.13 2.43
N VAL B 342 -3.46 -23.68 2.91
CA VAL B 342 -3.50 -24.19 4.29
C VAL B 342 -2.50 -25.32 4.46
N GLN B 343 -2.42 -26.23 3.49
CA GLN B 343 -1.44 -27.31 3.61
C GLN B 343 -0.01 -26.79 3.46
N VAL B 344 0.19 -25.76 2.61
CA VAL B 344 1.50 -25.12 2.51
C VAL B 344 1.87 -24.49 3.86
N ALA B 345 0.89 -23.87 4.52
CA ALA B 345 1.13 -23.25 5.82
C ALA B 345 1.50 -24.30 6.86
N SER B 346 0.87 -25.47 6.78
CA SER B 346 1.19 -26.55 7.72
C SER B 346 2.66 -26.91 7.64
N LEU B 347 3.22 -26.92 6.43
CA LEU B 347 4.63 -27.25 6.26
C LEU B 347 5.53 -26.14 6.80
N LEU B 348 5.09 -24.88 6.70
CA LEU B 348 5.84 -23.82 7.35
C LEU B 348 5.78 -23.95 8.87
N SER B 349 4.61 -24.28 9.41
CA SER B 349 4.49 -24.51 10.86
C SER B 349 5.41 -25.65 11.30
N ASP B 350 5.50 -26.71 10.50
CA ASP B 350 6.41 -27.81 10.83
C ASP B 350 7.86 -27.34 10.90
N PHE B 351 8.27 -26.51 9.93
CA PHE B 351 9.63 -25.96 9.95
C PHE B 351 9.87 -25.14 11.21
N LEU B 352 8.95 -24.24 11.54
CA LEU B 352 9.08 -23.45 12.75
C LEU B 352 9.16 -24.34 13.98
N GLY B 353 8.34 -25.38 14.03
CA GLY B 353 8.32 -26.25 15.22
C GLY B 353 9.60 -27.06 15.36
N LYS B 354 10.06 -27.67 14.27
CA LYS B 354 11.30 -28.44 14.26
C LYS B 354 12.46 -27.63 14.83
N HIS B 355 12.57 -26.38 14.42
CA HIS B 355 13.72 -25.57 14.81
C HIS B 355 13.47 -24.73 16.04
N GLY B 356 12.40 -25.00 16.78
CA GLY B 356 12.16 -24.34 18.04
C GLY B 356 11.77 -22.90 17.92
N LEU B 357 11.34 -22.47 16.74
CA LEU B 357 10.95 -21.08 16.52
C LEU B 357 9.50 -20.80 16.89
N ASP B 358 8.80 -21.78 17.43
CA ASP B 358 7.42 -21.62 17.90
C ASP B 358 7.33 -21.77 19.42
N GLN B 359 8.44 -21.52 20.11
CA GLN B 359 8.58 -21.74 21.53
C GLN B 359 9.12 -20.48 22.19
N ASN B 360 8.65 -20.19 23.39
CA ASN B 360 9.01 -18.96 24.09
C ASN B 360 10.35 -19.05 24.82
#